data_5TCE
#
_entry.id   5TCE
#
_entity_poly.entity_id   1
_entity_poly.type   'polypeptide(L)'
_entity_poly.pdbx_seq_one_letter_code
;GDERFYAEHLMPTLQGLLDPESAHRLAVRFTSLG(NH2)
;
_entity_poly.pdbx_strand_id   A
#
# COMPACT_ATOMS: atom_id res chain seq x y z
N GLY A 1 16.38 5.16 -11.38
CA GLY A 1 15.08 5.23 -10.73
C GLY A 1 14.67 6.65 -10.42
N ASP A 2 13.62 7.11 -11.09
CA ASP A 2 13.13 8.48 -10.87
C ASP A 2 11.60 8.51 -10.92
N GLU A 3 11.04 8.32 -12.11
CA GLU A 3 9.59 8.32 -12.28
C GLU A 3 8.98 7.01 -11.80
N ARG A 4 9.80 5.97 -11.72
CA ARG A 4 9.34 4.66 -11.27
C ARG A 4 9.83 4.37 -9.85
N PHE A 5 10.57 5.32 -9.29
CA PHE A 5 11.10 5.16 -7.94
C PHE A 5 10.54 6.23 -7.01
N TYR A 6 10.12 7.35 -7.60
CA TYR A 6 9.58 8.46 -6.82
C TYR A 6 8.05 8.47 -6.90
N ALA A 7 7.51 7.76 -7.88
CA ALA A 7 6.06 7.69 -8.07
C ALA A 7 5.56 6.26 -7.92
N GLU A 8 6.45 5.29 -8.15
CA GLU A 8 6.08 3.89 -8.04
C GLU A 8 6.60 3.29 -6.75
N HIS A 9 7.48 4.02 -6.07
CA HIS A 9 8.06 3.57 -4.81
C HIS A 9 7.85 4.60 -3.71
N LEU A 10 6.96 5.56 -3.96
CA LEU A 10 6.66 6.61 -3.00
C LEU A 10 5.16 6.76 -2.79
N MET A 11 4.41 6.74 -3.88
CA MET A 11 2.96 6.87 -3.81
C MET A 11 2.33 5.63 -3.18
N PRO A 12 2.55 4.47 -3.80
CA PRO A 12 2.02 3.20 -3.31
C PRO A 12 2.69 2.73 -2.02
N THR A 13 3.75 3.45 -1.63
CA THR A 13 4.48 3.12 -0.42
C THR A 13 4.06 4.02 0.74
N LEU A 14 4.08 5.33 0.50
CA LEU A 14 3.70 6.29 1.53
C LEU A 14 2.18 6.44 1.60
N GLN A 15 1.51 6.14 0.49
CA GLN A 15 0.06 6.24 0.44
C GLN A 15 -0.56 4.95 -0.11
N GLY A 16 -0.07 3.82 0.39
CA GLY A 16 -0.58 2.53 -0.05
C GLY A 16 -0.13 1.39 0.84
N LEU A 17 1.09 1.49 1.35
CA LEU A 17 1.64 0.47 2.23
C LEU A 17 1.19 0.67 3.67
N LEU A 18 0.44 1.74 3.90
CA LEU A 18 -0.06 2.05 5.24
C LEU A 18 -1.27 2.97 5.17
N ASP A 19 -1.98 2.92 4.04
CA ASP A 19 -3.17 3.74 3.85
C ASP A 19 -4.37 3.14 4.57
N PRO A 20 -5.31 4.00 4.97
CA PRO A 20 -6.53 3.57 5.68
C PRO A 20 -7.48 2.81 4.77
N GLU A 21 -7.16 2.76 3.49
CA GLU A 21 -7.99 2.07 2.51
C GLU A 21 -7.16 1.06 1.71
N SER A 22 -5.90 1.39 1.48
CA SER A 22 -5.01 0.52 0.73
C SER A 22 -4.36 -0.53 1.64
N ALA A 23 -3.88 -0.07 2.80
CA ALA A 23 -3.26 -0.96 3.76
C ALA A 23 -4.29 -1.70 4.60
N HIS A 24 -5.43 -1.05 4.82
CA HIS A 24 -6.50 -1.65 5.61
C HIS A 24 -7.24 -2.72 4.80
N ARG A 25 -7.37 -2.49 3.51
CA ARG A 25 -8.05 -3.42 2.63
C ARG A 25 -7.22 -4.69 2.43
N LEU A 26 -5.90 -4.51 2.29
CA LEU A 26 -4.99 -5.64 2.10
C LEU A 26 -4.70 -6.32 3.43
N ALA A 27 -4.97 -5.62 4.53
CA ALA A 27 -4.73 -6.17 5.86
C ALA A 27 -5.96 -6.89 6.38
N VAL A 28 -7.11 -6.24 6.30
CA VAL A 28 -8.37 -6.81 6.76
C VAL A 28 -8.60 -8.19 6.15
N ARG A 29 -8.20 -8.34 4.90
CA ARG A 29 -8.36 -9.60 4.18
C ARG A 29 -7.53 -10.70 4.83
N PHE A 30 -6.32 -10.36 5.27
CA PHE A 30 -5.43 -11.32 5.91
C PHE A 30 -5.79 -11.49 7.38
N THR A 31 -6.42 -10.48 7.97
CA THR A 31 -6.82 -10.52 9.37
C THR A 31 -8.10 -11.32 9.55
N SER A 32 -9.05 -11.10 8.65
CA SER A 32 -10.33 -11.81 8.71
C SER A 32 -10.40 -12.91 7.67
N LEU A 33 -9.23 -13.45 7.31
CA LEU A 33 -9.16 -14.51 6.32
C LEU A 33 -9.69 -15.83 6.89
N GLY A 34 -9.95 -15.84 8.20
CA GLY A 34 -10.46 -17.03 8.83
C GLY A 34 -10.94 -16.77 10.26
N GLY A 1 16.47 4.73 -11.09
CA GLY A 1 15.17 4.80 -10.43
C GLY A 1 14.77 6.23 -10.13
N ASP A 2 13.77 6.72 -10.84
CA ASP A 2 13.27 8.08 -10.63
C ASP A 2 11.76 8.14 -10.71
N GLU A 3 11.22 7.94 -11.91
CA GLU A 3 9.78 7.97 -12.13
C GLU A 3 9.14 6.68 -11.63
N ARG A 4 9.94 5.61 -11.56
CA ARG A 4 9.44 4.32 -11.11
C ARG A 4 9.90 4.04 -9.68
N PHE A 5 10.62 4.99 -9.09
CA PHE A 5 11.11 4.84 -7.73
C PHE A 5 10.55 5.93 -6.83
N TYR A 6 10.20 7.07 -7.42
CA TYR A 6 9.66 8.19 -6.66
C TYR A 6 8.13 8.21 -6.75
N ALA A 7 7.59 7.51 -7.73
CA ALA A 7 6.14 7.45 -7.92
C ALA A 7 5.64 6.02 -7.78
N GLU A 8 6.52 5.05 -8.00
CA GLU A 8 6.16 3.64 -7.89
C GLU A 8 6.68 3.05 -6.59
N HIS A 9 7.52 3.80 -5.89
CA HIS A 9 8.09 3.35 -4.62
C HIS A 9 7.88 4.39 -3.53
N LEU A 10 7.00 5.34 -3.79
CA LEU A 10 6.71 6.40 -2.83
C LEU A 10 5.20 6.56 -2.64
N MET A 11 4.47 6.54 -3.74
CA MET A 11 3.02 6.69 -3.70
C MET A 11 2.37 5.46 -3.06
N PRO A 12 2.58 4.29 -3.67
CA PRO A 12 2.02 3.03 -3.18
C PRO A 12 2.68 2.57 -1.89
N THR A 13 3.73 3.27 -1.49
CA THR A 13 4.45 2.94 -0.26
C THR A 13 4.03 3.85 0.89
N LEU A 14 4.06 5.16 0.64
CA LEU A 14 3.68 6.14 1.65
C LEU A 14 2.17 6.31 1.71
N GLN A 15 1.51 6.00 0.59
CA GLN A 15 0.06 6.12 0.52
C GLN A 15 -0.57 4.84 -0.02
N GLY A 16 -0.08 3.69 0.46
CA GLY A 16 -0.60 2.41 0.01
C GLY A 16 -0.21 1.28 0.93
N LEU A 17 0.99 1.36 1.49
CA LEU A 17 1.48 0.32 2.40
C LEU A 17 0.97 0.56 3.81
N LEU A 18 0.23 1.65 4.01
CA LEU A 18 -0.32 1.98 5.31
C LEU A 18 -1.53 2.91 5.17
N ASP A 19 -2.18 2.85 4.02
CA ASP A 19 -3.36 3.68 3.76
C ASP A 19 -4.60 3.06 4.39
N PRO A 20 -5.55 3.92 4.79
CA PRO A 20 -6.80 3.49 5.41
C PRO A 20 -7.73 2.79 4.42
N GLU A 21 -7.34 2.79 3.15
CA GLU A 21 -8.12 2.16 2.11
C GLU A 21 -7.30 1.15 1.33
N SER A 22 -5.98 1.36 1.31
CA SER A 22 -5.07 0.47 0.60
C SER A 22 -4.47 -0.56 1.54
N ALA A 23 -4.07 -0.11 2.72
CA ALA A 23 -3.47 -1.00 3.72
C ALA A 23 -4.55 -1.72 4.52
N HIS A 24 -5.70 -1.06 4.67
CA HIS A 24 -6.81 -1.64 5.42
C HIS A 24 -7.44 -2.80 4.65
N ARG A 25 -7.51 -2.66 3.34
CA ARG A 25 -8.09 -3.68 2.48
C ARG A 25 -7.17 -4.90 2.38
N LEU A 26 -5.87 -4.63 2.26
CA LEU A 26 -4.88 -5.70 2.15
C LEU A 26 -4.63 -6.35 3.50
N ALA A 27 -4.98 -5.64 4.57
CA ALA A 27 -4.80 -6.15 5.92
C ALA A 27 -6.04 -6.88 6.40
N VAL A 28 -7.19 -6.24 6.26
CA VAL A 28 -8.46 -6.83 6.69
C VAL A 28 -8.63 -8.23 6.11
N ARG A 29 -8.13 -8.42 4.89
CA ARG A 29 -8.24 -9.71 4.22
C ARG A 29 -7.39 -10.76 4.93
N PHE A 30 -6.22 -10.36 5.41
CA PHE A 30 -5.33 -11.27 6.12
C PHE A 30 -5.73 -11.43 7.57
N THR A 31 -6.45 -10.42 8.09
CA THR A 31 -6.91 -10.44 9.47
C THR A 31 -8.13 -11.35 9.64
N SER A 32 -9.07 -11.24 8.70
CA SER A 32 -10.28 -12.04 8.75
C SER A 32 -10.23 -13.16 7.70
N LEU A 33 -9.03 -13.61 7.38
CA LEU A 33 -8.84 -14.67 6.39
C LEU A 33 -9.30 -16.01 6.95
N GLY A 34 -9.60 -16.04 8.24
CA GLY A 34 -10.04 -17.27 8.88
C GLY A 34 -10.11 -17.15 10.39
N GLY A 1 16.64 4.80 -10.89
CA GLY A 1 15.35 4.87 -10.25
C GLY A 1 14.90 6.29 -9.98
N ASP A 2 13.90 6.75 -10.73
CA ASP A 2 13.38 8.11 -10.56
C ASP A 2 11.86 8.12 -10.66
N GLU A 3 11.35 7.90 -11.87
CA GLU A 3 9.92 7.88 -12.11
C GLU A 3 9.29 6.59 -11.60
N ARG A 4 10.10 5.55 -11.48
CA ARG A 4 9.63 4.25 -11.01
C ARG A 4 10.07 4.01 -9.57
N PHE A 5 10.75 4.99 -8.99
CA PHE A 5 11.24 4.89 -7.62
C PHE A 5 10.64 5.99 -6.75
N TYR A 6 10.27 7.10 -7.37
CA TYR A 6 9.70 8.23 -6.67
C TYR A 6 8.17 8.22 -6.77
N ALA A 7 7.67 7.48 -7.75
CA ALA A 7 6.22 7.38 -7.96
C ALA A 7 5.74 5.95 -7.78
N GLU A 8 6.65 4.99 -7.96
CA GLU A 8 6.31 3.58 -7.83
C GLU A 8 6.82 3.03 -6.50
N HIS A 9 7.64 3.82 -5.80
CA HIS A 9 8.20 3.41 -4.52
C HIS A 9 7.95 4.47 -3.46
N LEU A 10 7.05 5.40 -3.75
CA LEU A 10 6.72 6.47 -2.83
C LEU A 10 5.21 6.61 -2.66
N MET A 11 4.49 6.54 -3.78
CA MET A 11 3.04 6.66 -3.76
C MET A 11 2.40 5.44 -3.11
N PRO A 12 2.66 4.25 -3.69
CA PRO A 12 2.12 2.99 -3.17
C PRO A 12 2.75 2.58 -1.86
N THR A 13 3.79 3.31 -1.45
CA THR A 13 4.49 3.03 -0.21
C THR A 13 4.03 3.95 0.91
N LEU A 14 4.04 5.26 0.63
CA LEU A 14 3.63 6.25 1.61
C LEU A 14 2.10 6.39 1.63
N GLN A 15 1.47 6.04 0.52
CA GLN A 15 0.02 6.12 0.42
C GLN A 15 -0.57 4.82 -0.11
N GLY A 16 -0.06 3.69 0.39
CA GLY A 16 -0.54 2.40 -0.05
C GLY A 16 -0.16 1.29 0.92
N LEU A 17 1.02 1.40 1.51
CA LEU A 17 1.49 0.40 2.46
C LEU A 17 0.92 0.65 3.85
N LEU A 18 0.16 1.73 3.99
CA LEU A 18 -0.44 2.08 5.27
C LEU A 18 -1.65 2.98 5.07
N ASP A 19 -2.27 2.89 3.89
CA ASP A 19 -3.44 3.69 3.58
C ASP A 19 -4.70 3.07 4.16
N PRO A 20 -5.68 3.93 4.52
CA PRO A 20 -6.95 3.48 5.10
C PRO A 20 -7.83 2.75 4.09
N GLU A 21 -7.39 2.75 2.83
CA GLU A 21 -8.13 2.08 1.77
C GLU A 21 -7.26 1.07 1.04
N SER A 22 -5.94 1.28 1.09
CA SER A 22 -5.00 0.39 0.43
C SER A 22 -4.42 -0.62 1.42
N ALA A 23 -4.06 -0.12 2.60
CA ALA A 23 -3.49 -0.98 3.64
C ALA A 23 -4.59 -1.70 4.42
N HIS A 24 -5.76 -1.07 4.50
CA HIS A 24 -6.89 -1.66 5.22
C HIS A 24 -7.47 -2.83 4.45
N ARG A 25 -7.55 -2.70 3.14
CA ARG A 25 -8.09 -3.75 2.28
C ARG A 25 -7.15 -4.95 2.25
N LEU A 26 -5.86 -4.68 2.19
CA LEU A 26 -4.85 -5.74 2.15
C LEU A 26 -4.63 -6.33 3.54
N ALA A 27 -5.06 -5.61 4.57
CA ALA A 27 -4.92 -6.06 5.94
C ALA A 27 -6.15 -6.87 6.38
N VAL A 28 -7.32 -6.30 6.19
CA VAL A 28 -8.57 -6.96 6.56
C VAL A 28 -8.63 -8.38 6.00
N ARG A 29 -8.12 -8.55 4.78
CA ARG A 29 -8.12 -9.84 4.12
C ARG A 29 -7.27 -10.85 4.90
N PHE A 30 -6.15 -10.37 5.43
CA PHE A 30 -5.24 -11.23 6.20
C PHE A 30 -5.73 -11.37 7.65
N THR A 31 -6.49 -10.38 8.11
CA THR A 31 -7.01 -10.39 9.47
C THR A 31 -8.25 -11.28 9.57
N SER A 32 -9.04 -11.31 8.51
CA SER A 32 -10.26 -12.11 8.49
C SER A 32 -10.08 -13.34 7.60
N LEU A 33 -8.83 -13.64 7.27
CA LEU A 33 -8.51 -14.79 6.43
C LEU A 33 -8.87 -16.10 7.14
N GLY A 34 -9.09 -16.01 8.44
CA GLY A 34 -9.45 -17.19 9.22
C GLY A 34 -10.93 -17.26 9.53
N GLY A 1 16.36 4.92 -11.20
CA GLY A 1 15.08 4.98 -10.51
C GLY A 1 14.65 6.40 -10.21
N ASP A 2 13.65 6.88 -10.93
CA ASP A 2 13.15 8.24 -10.73
C ASP A 2 11.63 8.27 -10.82
N GLU A 3 11.10 8.05 -12.03
CA GLU A 3 9.66 8.06 -12.24
C GLU A 3 9.02 6.76 -11.72
N ARG A 4 9.83 5.71 -11.64
CA ARG A 4 9.35 4.41 -11.16
C ARG A 4 9.81 4.16 -9.74
N PHE A 5 10.51 5.13 -9.16
CA PHE A 5 11.01 5.01 -7.80
C PHE A 5 10.44 6.11 -6.91
N TYR A 6 10.08 7.23 -7.52
CA TYR A 6 9.53 8.36 -6.78
C TYR A 6 8.00 8.36 -6.86
N ALA A 7 7.47 7.63 -7.84
CA ALA A 7 6.03 7.55 -8.03
C ALA A 7 5.53 6.11 -7.86
N GLU A 8 6.43 5.16 -8.06
CA GLU A 8 6.09 3.75 -7.93
C GLU A 8 6.62 3.18 -6.62
N HIS A 9 7.45 3.96 -5.93
CA HIS A 9 8.02 3.53 -4.66
C HIS A 9 7.79 4.58 -3.58
N LEU A 10 6.90 5.52 -3.86
CA LEU A 10 6.59 6.59 -2.91
C LEU A 10 5.08 6.73 -2.72
N MET A 11 4.34 6.68 -3.84
CA MET A 11 2.90 6.80 -3.79
C MET A 11 2.26 5.58 -3.14
N PRO A 12 2.49 4.40 -3.73
CA PRO A 12 1.95 3.13 -3.22
C PRO A 12 2.62 2.72 -1.92
N THR A 13 3.67 3.44 -1.52
CA THR A 13 4.38 3.13 -0.30
C THR A 13 3.94 4.06 0.84
N LEU A 14 3.95 5.35 0.57
CA LEU A 14 3.55 6.34 1.56
C LEU A 14 2.04 6.49 1.62
N GLN A 15 1.38 6.17 0.51
CA GLN A 15 -0.08 6.25 0.43
C GLN A 15 -0.67 4.95 -0.10
N GLY A 16 -0.16 3.83 0.39
CA GLY A 16 -0.66 2.53 -0.05
C GLY A 16 -0.26 1.42 0.89
N LEU A 17 0.94 1.52 1.46
CA LEU A 17 1.44 0.50 2.38
C LEU A 17 0.93 0.75 3.79
N LEU A 18 0.17 1.82 3.96
CA LEU A 18 -0.39 2.16 5.27
C LEU A 18 -1.61 3.07 5.11
N ASP A 19 -2.27 2.99 3.96
CA ASP A 19 -3.45 3.80 3.68
C ASP A 19 -4.69 3.17 4.31
N PRO A 20 -5.65 4.03 4.70
CA PRO A 20 -6.90 3.58 5.32
C PRO A 20 -7.81 2.86 4.33
N GLU A 21 -7.41 2.86 3.06
CA GLU A 21 -8.19 2.20 2.03
C GLU A 21 -7.34 1.19 1.26
N SER A 22 -6.02 1.42 1.24
CA SER A 22 -5.11 0.53 0.55
C SER A 22 -4.49 -0.49 1.51
N ALA A 23 -4.11 -0.01 2.69
CA ALA A 23 -3.51 -0.88 3.70
C ALA A 23 -4.57 -1.60 4.50
N HIS A 24 -5.73 -0.96 4.65
CA HIS A 24 -6.84 -1.54 5.41
C HIS A 24 -7.46 -2.71 4.64
N ARG A 25 -7.50 -2.59 3.32
CA ARG A 25 -8.07 -3.64 2.48
C ARG A 25 -7.13 -4.83 2.37
N LEU A 26 -5.83 -4.55 2.28
CA LEU A 26 -4.83 -5.60 2.18
C LEU A 26 -4.57 -6.24 3.54
N ALA A 27 -4.91 -5.52 4.60
CA ALA A 27 -4.72 -6.02 5.96
C ALA A 27 -5.98 -6.75 6.45
N VAL A 28 -7.13 -6.10 6.30
CA VAL A 28 -8.40 -6.69 6.72
C VAL A 28 -8.55 -8.10 6.20
N ARG A 29 -7.96 -8.38 5.04
CA ARG A 29 -8.04 -9.69 4.43
C ARG A 29 -7.12 -10.68 5.14
N PHE A 30 -5.91 -10.23 5.49
CA PHE A 30 -4.95 -11.08 6.18
C PHE A 30 -5.31 -11.22 7.65
N THR A 31 -6.20 -10.35 8.13
CA THR A 31 -6.63 -10.38 9.53
C THR A 31 -7.26 -11.71 9.87
N SER A 32 -8.26 -12.11 9.09
CA SER A 32 -8.96 -13.37 9.32
C SER A 32 -8.66 -14.37 8.21
N LEU A 33 -8.38 -13.85 7.02
CA LEU A 33 -8.07 -14.70 5.87
C LEU A 33 -9.26 -15.59 5.52
N GLY A 34 -10.43 -15.25 6.05
CA GLY A 34 -11.62 -16.02 5.78
C GLY A 34 -11.98 -16.04 4.30
N GLY A 1 16.46 4.97 -11.22
CA GLY A 1 15.17 5.02 -10.55
C GLY A 1 14.71 6.44 -10.27
N ASP A 2 13.69 6.88 -10.99
CA ASP A 2 13.16 8.23 -10.81
C ASP A 2 11.64 8.22 -10.88
N GLU A 3 11.09 7.98 -12.07
CA GLU A 3 9.65 7.94 -12.26
C GLU A 3 9.05 6.65 -11.72
N ARG A 4 9.89 5.62 -11.63
CA ARG A 4 9.45 4.32 -11.13
C ARG A 4 9.93 4.09 -9.70
N PHE A 5 10.63 5.09 -9.15
CA PHE A 5 11.14 5.01 -7.79
C PHE A 5 10.55 6.11 -6.91
N TYR A 6 10.17 7.21 -7.54
CA TYR A 6 9.59 8.33 -6.82
C TYR A 6 8.07 8.30 -6.88
N ALA A 7 7.53 7.55 -7.83
CA ALA A 7 6.09 7.43 -8.01
C ALA A 7 5.64 5.99 -7.80
N GLU A 8 6.55 5.04 -8.00
CA GLU A 8 6.24 3.63 -7.85
C GLU A 8 6.79 3.10 -6.54
N HIS A 9 7.61 3.90 -5.87
CA HIS A 9 8.22 3.51 -4.60
C HIS A 9 7.98 4.56 -3.54
N LEU A 10 7.06 5.49 -3.82
CA LEU A 10 6.74 6.56 -2.88
C LEU A 10 5.24 6.68 -2.68
N MET A 11 4.49 6.59 -3.78
CA MET A 11 3.04 6.69 -3.72
C MET A 11 2.44 5.46 -3.04
N PRO A 12 2.68 4.28 -3.62
CA PRO A 12 2.18 3.02 -3.09
C PRO A 12 2.86 2.63 -1.78
N THR A 13 3.90 3.38 -1.41
CA THR A 13 4.64 3.10 -0.19
C THR A 13 4.20 4.04 0.94
N LEU A 14 4.18 5.33 0.66
CA LEU A 14 3.78 6.33 1.64
C LEU A 14 2.26 6.45 1.70
N GLN A 15 1.60 6.08 0.61
CA GLN A 15 0.14 6.14 0.55
C GLN A 15 -0.44 4.84 0.03
N GLY A 16 0.12 3.72 0.50
CA GLY A 16 -0.36 2.42 0.08
C GLY A 16 0.04 1.31 1.02
N LEU A 17 1.23 1.44 1.60
CA LEU A 17 1.74 0.43 2.53
C LEU A 17 1.18 0.66 3.93
N LEU A 18 0.40 1.72 4.08
CA LEU A 18 -0.21 2.04 5.37
C LEU A 18 -1.41 2.97 5.19
N ASP A 19 -2.06 2.88 4.02
CA ASP A 19 -3.22 3.71 3.73
C ASP A 19 -4.47 3.13 4.38
N PRO A 20 -5.44 4.02 4.67
CA PRO A 20 -6.71 3.62 5.29
C PRO A 20 -7.58 2.79 4.36
N GLU A 21 -7.16 2.67 3.10
CA GLU A 21 -7.90 1.91 2.12
C GLU A 21 -7.02 0.86 1.45
N SER A 22 -5.76 1.23 1.20
CA SER A 22 -4.81 0.33 0.57
C SER A 22 -4.26 -0.68 1.57
N ALA A 23 -3.87 -0.18 2.74
CA ALA A 23 -3.32 -1.03 3.79
C ALA A 23 -4.44 -1.75 4.54
N HIS A 24 -5.57 -1.08 4.70
CA HIS A 24 -6.71 -1.67 5.39
C HIS A 24 -7.35 -2.78 4.57
N ARG A 25 -7.32 -2.63 3.25
CA ARG A 25 -7.89 -3.63 2.36
C ARG A 25 -7.02 -4.88 2.31
N LEU A 26 -5.71 -4.68 2.24
CA LEU A 26 -4.77 -5.80 2.20
C LEU A 26 -4.59 -6.42 3.58
N ALA A 27 -4.98 -5.68 4.61
CA ALA A 27 -4.87 -6.16 5.98
C ALA A 27 -6.15 -6.86 6.42
N VAL A 28 -7.28 -6.21 6.21
CA VAL A 28 -8.58 -6.77 6.60
C VAL A 28 -8.75 -8.16 6.01
N ARG A 29 -8.21 -8.38 4.82
CA ARG A 29 -8.31 -9.67 4.15
C ARG A 29 -7.53 -10.74 4.92
N PHE A 30 -6.38 -10.36 5.46
CA PHE A 30 -5.55 -11.28 6.21
C PHE A 30 -6.03 -11.40 7.65
N THR A 31 -6.72 -10.36 8.13
CA THR A 31 -7.23 -10.36 9.49
C THR A 31 -8.54 -11.14 9.59
N SER A 32 -9.34 -11.09 8.53
CA SER A 32 -10.62 -11.79 8.50
C SER A 32 -10.54 -13.03 7.61
N LEU A 33 -9.31 -13.43 7.28
CA LEU A 33 -9.09 -14.60 6.44
C LEU A 33 -9.55 -15.87 7.14
N GLY A 34 -9.77 -15.77 8.44
CA GLY A 34 -10.21 -16.92 9.21
C GLY A 34 -11.69 -16.88 9.52
N GLY A 1 16.59 5.12 -11.17
CA GLY A 1 15.30 5.14 -10.52
C GLY A 1 14.84 6.55 -10.17
N ASP A 2 13.82 7.03 -10.88
CA ASP A 2 13.30 8.37 -10.65
C ASP A 2 11.77 8.37 -10.73
N GLU A 3 11.25 8.19 -11.93
CA GLU A 3 9.80 8.19 -12.15
C GLU A 3 9.20 6.86 -11.67
N ARG A 4 10.02 5.83 -11.62
CA ARG A 4 9.57 4.50 -11.19
C ARG A 4 10.03 4.21 -9.77
N PHE A 5 10.73 5.17 -9.17
CA PHE A 5 11.23 5.01 -7.81
C PHE A 5 10.64 6.07 -6.88
N TYR A 6 10.26 7.20 -7.46
CA TYR A 6 9.67 8.30 -6.69
C TYR A 6 8.15 8.27 -6.77
N ALA A 7 7.63 7.57 -7.77
CA ALA A 7 6.18 7.47 -7.96
C ALA A 7 5.72 6.02 -7.84
N GLU A 8 6.63 5.09 -8.06
CA GLU A 8 6.31 3.67 -7.98
C GLU A 8 6.86 3.07 -6.69
N HIS A 9 7.68 3.83 -5.99
CA HIS A 9 8.27 3.37 -4.73
C HIS A 9 8.04 4.38 -3.62
N LEU A 10 7.13 5.33 -3.86
CA LEU A 10 6.82 6.36 -2.88
C LEU A 10 5.31 6.50 -2.70
N MET A 11 4.58 6.48 -3.81
CA MET A 11 3.13 6.60 -3.77
C MET A 11 2.49 5.36 -3.16
N PRO A 12 2.73 4.19 -3.79
CA PRO A 12 2.19 2.92 -3.32
C PRO A 12 2.84 2.46 -2.02
N THR A 13 3.88 3.17 -1.60
CA THR A 13 4.60 2.83 -0.38
C THR A 13 4.16 3.72 0.78
N LEU A 14 4.18 5.03 0.55
CA LEU A 14 3.78 5.99 1.58
C LEU A 14 2.27 6.15 1.61
N GLN A 15 1.61 5.82 0.50
CA GLN A 15 0.17 5.92 0.41
C GLN A 15 -0.45 4.63 -0.13
N GLY A 16 0.03 3.50 0.39
CA GLY A 16 -0.48 2.21 -0.04
C GLY A 16 -0.14 1.09 0.93
N LEU A 17 1.03 1.18 1.54
CA LEU A 17 1.47 0.16 2.49
C LEU A 17 0.93 0.46 3.88
N LEU A 18 0.20 1.56 4.01
CA LEU A 18 -0.39 1.96 5.29
C LEU A 18 -1.58 2.88 5.08
N ASP A 19 -2.20 2.79 3.91
CA ASP A 19 -3.35 3.61 3.58
C ASP A 19 -4.63 3.02 4.19
N PRO A 20 -5.58 3.91 4.53
CA PRO A 20 -6.86 3.50 5.13
C PRO A 20 -7.75 2.78 4.13
N GLU A 21 -7.32 2.74 2.87
CA GLU A 21 -8.08 2.08 1.82
C GLU A 21 -7.23 1.03 1.09
N SER A 22 -5.92 1.24 1.12
CA SER A 22 -5.00 0.33 0.46
C SER A 22 -4.43 -0.68 1.46
N ALA A 23 -4.06 -0.19 2.65
CA ALA A 23 -3.50 -1.05 3.68
C ALA A 23 -4.61 -1.74 4.48
N HIS A 24 -5.77 -1.08 4.57
CA HIS A 24 -6.90 -1.62 5.30
C HIS A 24 -7.52 -2.80 4.55
N ARG A 25 -7.54 -2.70 3.22
CA ARG A 25 -8.11 -3.76 2.39
C ARG A 25 -7.19 -4.97 2.35
N LEU A 26 -5.88 -4.72 2.26
CA LEU A 26 -4.90 -5.80 2.22
C LEU A 26 -4.70 -6.41 3.60
N ALA A 27 -5.07 -5.66 4.63
CA ALA A 27 -4.94 -6.13 6.01
C ALA A 27 -6.20 -6.84 6.47
N VAL A 28 -7.35 -6.19 6.28
CA VAL A 28 -8.63 -6.76 6.68
C VAL A 28 -8.79 -8.17 6.13
N ARG A 29 -8.26 -8.41 4.94
CA ARG A 29 -8.35 -9.72 4.31
C ARG A 29 -7.54 -10.75 5.08
N PHE A 30 -6.38 -10.34 5.58
CA PHE A 30 -5.51 -11.23 6.34
C PHE A 30 -5.97 -11.34 7.79
N THR A 31 -6.70 -10.32 8.25
CA THR A 31 -7.20 -10.29 9.62
C THR A 31 -8.43 -11.18 9.78
N SER A 32 -9.33 -11.09 8.81
CA SER A 32 -10.56 -11.89 8.84
C SER A 32 -10.48 -13.04 7.83
N LEU A 33 -9.27 -13.50 7.56
CA LEU A 33 -9.07 -14.60 6.62
C LEU A 33 -9.55 -15.92 7.20
N GLY A 34 -9.89 -15.90 8.49
CA GLY A 34 -10.37 -17.11 9.15
C GLY A 34 -11.58 -16.85 10.01
N GLY A 1 16.41 4.76 -11.23
CA GLY A 1 15.13 4.83 -10.55
C GLY A 1 14.69 6.25 -10.26
N ASP A 2 13.68 6.71 -10.99
CA ASP A 2 13.16 8.06 -10.80
C ASP A 2 11.64 8.08 -10.86
N GLU A 3 11.09 7.84 -12.04
CA GLU A 3 9.65 7.82 -12.23
C GLU A 3 9.04 6.54 -11.68
N ARG A 4 9.86 5.49 -11.60
CA ARG A 4 9.41 4.20 -11.10
C ARG A 4 9.89 3.97 -9.67
N PHE A 5 10.59 4.95 -9.12
CA PHE A 5 11.13 4.86 -7.77
C PHE A 5 10.56 5.97 -6.89
N TYR A 6 10.19 7.08 -7.51
CA TYR A 6 9.63 8.21 -6.78
C TYR A 6 8.11 8.21 -6.85
N ALA A 7 7.57 7.47 -7.81
CA ALA A 7 6.13 7.38 -7.98
C ALA A 7 5.63 5.95 -7.77
N GLU A 8 6.53 4.99 -7.97
CA GLU A 8 6.18 3.58 -7.81
C GLU A 8 6.70 3.04 -6.48
N HIS A 9 7.55 3.83 -5.81
CA HIS A 9 8.11 3.43 -4.52
C HIS A 9 7.87 4.51 -3.48
N LEU A 10 6.97 5.44 -3.77
CA LEU A 10 6.64 6.52 -2.86
C LEU A 10 5.13 6.64 -2.67
N MET A 11 4.39 6.56 -3.77
CA MET A 11 2.94 6.66 -3.72
C MET A 11 2.33 5.44 -3.04
N PRO A 12 2.57 4.26 -3.61
CA PRO A 12 2.06 2.99 -3.08
C PRO A 12 2.73 2.61 -1.76
N THR A 13 3.77 3.35 -1.38
CA THR A 13 4.49 3.09 -0.15
C THR A 13 4.05 4.03 0.96
N LEU A 14 4.03 5.32 0.67
CA LEU A 14 3.62 6.32 1.65
C LEU A 14 2.10 6.45 1.70
N GLN A 15 1.45 6.08 0.60
CA GLN A 15 -0.01 6.15 0.52
C GLN A 15 -0.58 4.83 0.00
N GLY A 16 -0.05 3.73 0.50
CA GLY A 16 -0.52 2.42 0.07
C GLY A 16 -0.11 1.32 1.02
N LEU A 17 1.09 1.45 1.59
CA LEU A 17 1.61 0.45 2.52
C LEU A 17 1.06 0.68 3.93
N LEU A 18 0.27 1.74 4.09
CA LEU A 18 -0.32 2.07 5.38
C LEU A 18 -1.53 2.99 5.21
N ASP A 19 -2.17 2.90 4.05
CA ASP A 19 -3.34 3.72 3.76
C ASP A 19 -4.58 3.14 4.43
N PRO A 20 -5.56 4.01 4.72
CA PRO A 20 -6.82 3.61 5.36
C PRO A 20 -7.71 2.79 4.44
N GLU A 21 -7.30 2.68 3.18
CA GLU A 21 -8.06 1.92 2.20
C GLU A 21 -7.17 0.88 1.51
N SER A 22 -5.92 1.25 1.27
CA SER A 22 -4.97 0.34 0.63
C SER A 22 -4.40 -0.66 1.63
N ALA A 23 -3.98 -0.16 2.79
CA ALA A 23 -3.42 -1.02 3.83
C ALA A 23 -4.53 -1.75 4.59
N HIS A 24 -5.67 -1.09 4.74
CA HIS A 24 -6.80 -1.68 5.45
C HIS A 24 -7.43 -2.81 4.63
N ARG A 25 -7.53 -2.60 3.32
CA ARG A 25 -8.12 -3.58 2.43
C ARG A 25 -7.22 -4.81 2.31
N LEU A 26 -5.91 -4.58 2.33
CA LEU A 26 -4.94 -5.67 2.23
C LEU A 26 -4.70 -6.31 3.59
N ALA A 27 -5.09 -5.61 4.64
CA ALA A 27 -4.93 -6.12 6.01
C ALA A 27 -6.14 -6.91 6.45
N VAL A 28 -7.32 -6.32 6.28
CA VAL A 28 -8.57 -6.98 6.67
C VAL A 28 -8.67 -8.37 6.06
N ARG A 29 -8.18 -8.52 4.84
CA ARG A 29 -8.21 -9.80 4.15
C ARG A 29 -7.36 -10.83 4.88
N PHE A 30 -6.21 -10.39 5.39
CA PHE A 30 -5.31 -11.27 6.12
C PHE A 30 -5.76 -11.45 7.56
N THR A 31 -6.50 -10.48 8.07
CA THR A 31 -6.99 -10.52 9.43
C THR A 31 -8.22 -11.42 9.55
N SER A 32 -9.12 -11.30 8.58
CA SER A 32 -10.34 -12.10 8.57
C SER A 32 -10.24 -13.23 7.54
N LEU A 33 -9.02 -13.67 7.27
CA LEU A 33 -8.79 -14.74 6.31
C LEU A 33 -9.25 -16.08 6.87
N GLY A 34 -9.60 -16.10 8.15
CA GLY A 34 -10.05 -17.33 8.78
C GLY A 34 -8.93 -18.08 9.46
N GLY A 1 16.74 4.81 -10.91
CA GLY A 1 15.44 4.87 -10.28
C GLY A 1 15.00 6.29 -10.00
N ASP A 2 14.00 6.75 -10.75
CA ASP A 2 13.48 8.10 -10.57
C ASP A 2 11.96 8.12 -10.68
N GLU A 3 11.46 7.90 -11.89
CA GLU A 3 10.02 7.90 -12.13
C GLU A 3 9.39 6.60 -11.62
N ARG A 4 10.20 5.56 -11.52
CA ARG A 4 9.73 4.26 -11.05
C ARG A 4 10.16 4.02 -9.61
N PHE A 5 10.84 4.99 -9.02
CA PHE A 5 11.32 4.88 -7.65
C PHE A 5 10.72 5.98 -6.77
N TYR A 6 10.37 7.09 -7.40
CA TYR A 6 9.79 8.23 -6.69
C TYR A 6 8.27 8.22 -6.79
N ALA A 7 7.76 7.48 -7.77
CA ALA A 7 6.32 7.39 -7.99
C ALA A 7 5.83 5.96 -7.82
N GLU A 8 6.74 5.00 -8.00
CA GLU A 8 6.40 3.58 -7.87
C GLU A 8 6.91 3.02 -6.54
N HIS A 9 7.72 3.81 -5.85
CA HIS A 9 8.28 3.40 -4.56
C HIS A 9 8.03 4.46 -3.49
N LEU A 10 7.12 5.38 -3.79
CA LEU A 10 6.80 6.46 -2.86
C LEU A 10 5.28 6.60 -2.71
N MET A 11 4.58 6.54 -3.84
CA MET A 11 3.13 6.67 -3.83
C MET A 11 2.47 5.44 -3.19
N PRO A 12 2.72 4.26 -3.77
CA PRO A 12 2.17 3.00 -3.27
C PRO A 12 2.79 2.59 -1.94
N THR A 13 3.83 3.31 -1.52
CA THR A 13 4.52 3.02 -0.28
C THR A 13 4.06 3.95 0.84
N LEU A 14 4.08 5.25 0.57
CA LEU A 14 3.64 6.25 1.55
C LEU A 14 2.13 6.39 1.55
N GLN A 15 1.50 6.05 0.43
CA GLN A 15 0.05 6.14 0.31
C GLN A 15 -0.54 4.83 -0.22
N GLY A 16 -0.05 3.72 0.30
CA GLY A 16 -0.53 2.41 -0.14
C GLY A 16 -0.15 1.30 0.82
N LEU A 17 1.03 1.41 1.42
CA LEU A 17 1.51 0.41 2.36
C LEU A 17 0.96 0.67 3.76
N LEU A 18 0.20 1.75 3.90
CA LEU A 18 -0.39 2.10 5.18
C LEU A 18 -1.61 3.01 4.99
N ASP A 19 -2.23 2.92 3.82
CA ASP A 19 -3.41 3.72 3.51
C ASP A 19 -4.66 3.10 4.11
N PRO A 20 -5.64 3.96 4.47
CA PRO A 20 -6.90 3.51 5.07
C PRO A 20 -7.78 2.78 4.06
N GLU A 21 -7.36 2.76 2.81
CA GLU A 21 -8.11 2.09 1.75
C GLU A 21 -7.24 1.08 1.02
N SER A 22 -5.93 1.31 1.04
CA SER A 22 -4.98 0.42 0.37
C SER A 22 -4.39 -0.58 1.35
N ALA A 23 -4.03 -0.10 2.54
CA ALA A 23 -3.45 -0.96 3.57
C ALA A 23 -4.54 -1.67 4.36
N HIS A 24 -5.71 -1.04 4.46
CA HIS A 24 -6.83 -1.62 5.19
C HIS A 24 -7.42 -2.79 4.43
N ARG A 25 -7.46 -2.69 3.11
CA ARG A 25 -8.00 -3.74 2.27
C ARG A 25 -7.06 -4.94 2.21
N LEU A 26 -5.76 -4.66 2.13
CA LEU A 26 -4.75 -5.71 2.07
C LEU A 26 -4.53 -6.33 3.44
N ALA A 27 -4.92 -5.60 4.49
CA ALA A 27 -4.77 -6.07 5.85
C ALA A 27 -6.02 -6.83 6.32
N VAL A 28 -7.18 -6.20 6.13
CA VAL A 28 -8.45 -6.81 6.53
C VAL A 28 -8.58 -8.21 5.97
N ARG A 29 -8.04 -8.43 4.77
CA ARG A 29 -8.11 -9.73 4.12
C ARG A 29 -7.28 -10.76 4.88
N PHE A 30 -6.13 -10.32 5.39
CA PHE A 30 -5.24 -11.21 6.13
C PHE A 30 -5.70 -11.33 7.60
N THR A 31 -6.43 -10.33 8.06
CA THR A 31 -6.93 -10.32 9.43
C THR A 31 -8.18 -11.19 9.57
N SER A 32 -9.00 -11.20 8.52
CA SER A 32 -10.24 -11.98 8.52
C SER A 32 -10.09 -13.22 7.63
N LEU A 33 -8.86 -13.54 7.27
CA LEU A 33 -8.59 -14.69 6.42
C LEU A 33 -8.96 -15.98 7.13
N GLY A 34 -9.16 -15.90 8.45
CA GLY A 34 -9.51 -17.07 9.22
C GLY A 34 -9.81 -16.74 10.67
N GLY A 1 16.66 4.67 -11.01
CA GLY A 1 15.38 4.74 -10.33
C GLY A 1 14.95 6.17 -10.05
N ASP A 2 13.95 6.65 -10.79
CA ASP A 2 13.45 8.00 -10.62
C ASP A 2 11.93 8.03 -10.72
N GLU A 3 11.43 7.81 -11.93
CA GLU A 3 9.99 7.82 -12.16
C GLU A 3 9.34 6.54 -11.65
N ARG A 4 10.14 5.48 -11.54
CA ARG A 4 9.66 4.19 -11.07
C ARG A 4 10.10 3.94 -9.63
N PHE A 5 10.80 4.91 -9.05
CA PHE A 5 11.28 4.80 -7.69
C PHE A 5 10.69 5.90 -6.80
N TYR A 6 10.35 7.03 -7.44
CA TYR A 6 9.78 8.16 -6.71
C TYR A 6 8.25 8.16 -6.82
N ALA A 7 7.73 7.43 -7.79
CA ALA A 7 6.29 7.35 -8.00
C ALA A 7 5.80 5.92 -7.83
N GLU A 8 6.69 4.95 -8.02
CA GLU A 8 6.34 3.55 -7.88
C GLU A 8 6.85 2.98 -6.55
N HIS A 9 7.68 3.76 -5.86
CA HIS A 9 8.23 3.34 -4.59
C HIS A 9 8.00 4.40 -3.52
N LEU A 10 7.11 5.34 -3.81
CA LEU A 10 6.80 6.41 -2.87
C LEU A 10 5.28 6.57 -2.71
N MET A 11 4.56 6.51 -3.82
CA MET A 11 3.12 6.64 -3.81
C MET A 11 2.48 5.42 -3.15
N PRO A 12 2.70 4.24 -3.73
CA PRO A 12 2.15 2.98 -3.22
C PRO A 12 2.80 2.56 -1.91
N THR A 13 3.84 3.28 -1.50
CA THR A 13 4.54 2.98 -0.26
C THR A 13 4.10 3.91 0.86
N LEU A 14 4.12 5.22 0.58
CA LEU A 14 3.72 6.22 1.57
C LEU A 14 2.20 6.36 1.60
N GLN A 15 1.55 6.03 0.49
CA GLN A 15 0.10 6.12 0.39
C GLN A 15 -0.50 4.82 -0.14
N GLY A 16 -0.01 3.70 0.38
CA GLY A 16 -0.50 2.41 -0.05
C GLY A 16 -0.12 1.29 0.90
N LEU A 17 1.07 1.39 1.48
CA LEU A 17 1.55 0.38 2.42
C LEU A 17 1.02 0.65 3.82
N LEU A 18 0.26 1.73 3.97
CA LEU A 18 -0.31 2.09 5.26
C LEU A 18 -1.52 3.00 5.08
N ASP A 19 -2.17 2.91 3.92
CA ASP A 19 -3.34 3.72 3.62
C ASP A 19 -4.59 3.10 4.24
N PRO A 20 -5.54 3.96 4.61
CA PRO A 20 -6.81 3.52 5.22
C PRO A 20 -7.71 2.80 4.23
N GLU A 21 -7.30 2.79 2.97
CA GLU A 21 -8.07 2.12 1.92
C GLU A 21 -7.22 1.11 1.17
N SER A 22 -5.90 1.33 1.18
CA SER A 22 -4.97 0.44 0.50
C SER A 22 -4.37 -0.57 1.48
N ALA A 23 -3.99 -0.09 2.65
CA ALA A 23 -3.40 -0.95 3.68
C ALA A 23 -4.48 -1.67 4.47
N HIS A 24 -5.64 -1.03 4.58
CA HIS A 24 -6.77 -1.61 5.32
C HIS A 24 -7.36 -2.80 4.57
N ARG A 25 -7.46 -2.65 3.24
CA ARG A 25 -8.02 -3.71 2.41
C ARG A 25 -7.08 -4.92 2.35
N LEU A 26 -5.79 -4.64 2.27
CA LEU A 26 -4.79 -5.70 2.20
C LEU A 26 -4.54 -6.30 3.59
N ALA A 27 -4.98 -5.59 4.61
CA ALA A 27 -4.80 -6.05 5.98
C ALA A 27 -6.02 -6.84 6.46
N VAL A 28 -7.20 -6.26 6.30
CA VAL A 28 -8.44 -6.92 6.71
C VAL A 28 -8.52 -8.33 6.14
N ARG A 29 -7.92 -8.53 4.98
CA ARG A 29 -7.92 -9.83 4.32
C ARG A 29 -7.02 -10.81 5.06
N PHE A 30 -5.89 -10.31 5.54
CA PHE A 30 -4.93 -11.15 6.26
C PHE A 30 -5.34 -11.31 7.72
N THR A 31 -6.19 -10.39 8.19
CA THR A 31 -6.66 -10.43 9.57
C THR A 31 -7.55 -11.64 9.83
N SER A 32 -8.46 -11.92 8.89
CA SER A 32 -9.36 -13.04 9.01
C SER A 32 -8.96 -14.17 8.07
N LEU A 33 -8.47 -13.80 6.89
CA LEU A 33 -8.05 -14.77 5.89
C LEU A 33 -9.22 -15.68 5.48
N GLY A 34 -10.43 -15.23 5.77
CA GLY A 34 -11.60 -16.00 5.42
C GLY A 34 -12.89 -15.29 5.79
N GLY A 1 16.62 4.58 -10.91
CA GLY A 1 15.32 4.68 -10.28
C GLY A 1 14.92 6.11 -9.97
N ASP A 2 13.94 6.62 -10.71
CA ASP A 2 13.47 7.98 -10.51
C ASP A 2 11.95 8.05 -10.63
N GLU A 3 11.44 7.87 -11.84
CA GLU A 3 10.00 7.91 -12.07
C GLU A 3 9.32 6.64 -11.59
N ARG A 4 10.11 5.57 -11.50
CA ARG A 4 9.59 4.27 -11.05
C ARG A 4 10.01 3.99 -9.61
N PHE A 5 10.73 4.94 -9.02
CA PHE A 5 11.20 4.78 -7.65
C PHE A 5 10.64 5.89 -6.75
N TYR A 6 10.32 7.03 -7.36
CA TYR A 6 9.78 8.16 -6.63
C TYR A 6 8.26 8.20 -6.73
N ALA A 7 7.72 7.51 -7.73
CA ALA A 7 6.29 7.46 -7.94
C ALA A 7 5.75 6.04 -7.80
N GLU A 8 6.63 5.06 -7.99
CA GLU A 8 6.24 3.66 -7.89
C GLU A 8 6.73 3.06 -6.57
N HIS A 9 7.57 3.80 -5.86
CA HIS A 9 8.11 3.35 -4.59
C HIS A 9 7.89 4.40 -3.50
N LEU A 10 7.04 5.36 -3.78
CA LEU A 10 6.74 6.43 -2.82
C LEU A 10 5.23 6.62 -2.67
N MET A 11 4.51 6.60 -3.79
CA MET A 11 3.07 6.76 -3.77
C MET A 11 2.39 5.55 -3.14
N PRO A 12 2.59 4.37 -3.75
CA PRO A 12 2.01 3.12 -3.26
C PRO A 12 2.64 2.66 -1.95
N THR A 13 3.70 3.35 -1.53
CA THR A 13 4.38 3.01 -0.30
C THR A 13 3.96 3.94 0.84
N LEU A 14 4.01 5.23 0.59
CA LEU A 14 3.63 6.22 1.60
C LEU A 14 2.11 6.41 1.62
N GLN A 15 1.47 6.11 0.50
CA GLN A 15 0.02 6.25 0.39
C GLN A 15 -0.62 4.97 -0.14
N GLY A 16 -0.17 3.83 0.39
CA GLY A 16 -0.71 2.55 -0.05
C GLY A 16 -0.33 1.42 0.88
N LEU A 17 0.88 1.50 1.43
CA LEU A 17 1.38 0.46 2.34
C LEU A 17 0.89 0.71 3.76
N LEU A 18 0.16 1.80 3.95
CA LEU A 18 -0.37 2.15 5.26
C LEU A 18 -1.56 3.09 5.14
N ASP A 19 -2.23 3.04 3.99
CA ASP A 19 -3.39 3.89 3.75
C ASP A 19 -4.63 3.32 4.43
N PRO A 20 -5.57 4.21 4.79
CA PRO A 20 -6.81 3.82 5.47
C PRO A 20 -7.75 3.06 4.55
N GLU A 21 -7.38 2.97 3.27
CA GLU A 21 -8.20 2.27 2.29
C GLU A 21 -7.37 1.23 1.54
N SER A 22 -6.09 1.55 1.31
CA SER A 22 -5.19 0.65 0.60
C SER A 22 -4.59 -0.38 1.55
N ALA A 23 -4.16 0.08 2.72
CA ALA A 23 -3.57 -0.79 3.73
C ALA A 23 -4.64 -1.47 4.56
N HIS A 24 -5.79 -0.82 4.69
CA HIS A 24 -6.89 -1.37 5.48
C HIS A 24 -7.53 -2.56 4.76
N ARG A 25 -7.65 -2.45 3.44
CA ARG A 25 -8.25 -3.53 2.64
C ARG A 25 -7.27 -4.69 2.50
N LEU A 26 -5.99 -4.37 2.36
CA LEU A 26 -4.96 -5.40 2.21
C LEU A 26 -4.66 -6.07 3.54
N ALA A 27 -4.96 -5.37 4.63
CA ALA A 27 -4.74 -5.91 5.97
C ALA A 27 -5.97 -6.64 6.49
N VAL A 28 -7.13 -5.99 6.37
CA VAL A 28 -8.38 -6.57 6.84
C VAL A 28 -8.56 -7.98 6.29
N ARG A 29 -7.99 -8.24 5.11
CA ARG A 29 -8.09 -9.55 4.49
C ARG A 29 -7.15 -10.55 5.16
N PHE A 30 -5.95 -10.10 5.48
CA PHE A 30 -4.96 -10.96 6.12
C PHE A 30 -5.28 -11.13 7.61
N THR A 31 -6.15 -10.26 8.12
CA THR A 31 -6.53 -10.32 9.52
C THR A 31 -7.18 -11.66 9.88
N SER A 32 -8.19 -12.04 9.10
CA SER A 32 -8.89 -13.30 9.33
C SER A 32 -8.61 -14.28 8.19
N LEU A 33 -8.37 -13.75 7.01
CA LEU A 33 -8.09 -14.57 5.84
C LEU A 33 -9.28 -15.46 5.50
N GLY A 34 -10.44 -15.12 6.07
CA GLY A 34 -11.64 -15.90 5.81
C GLY A 34 -12.73 -15.65 6.85
N GLY A 1 16.48 4.59 -11.06
CA GLY A 1 15.19 4.67 -10.41
C GLY A 1 14.77 6.10 -10.13
N ASP A 2 13.78 6.59 -10.87
CA ASP A 2 13.29 7.95 -10.69
C ASP A 2 11.77 8.01 -10.78
N GLU A 3 11.25 7.79 -12.00
CA GLU A 3 9.82 7.82 -12.22
C GLU A 3 9.17 6.53 -11.71
N ARG A 4 9.95 5.47 -11.62
CA ARG A 4 9.46 4.18 -11.14
C ARG A 4 9.90 3.93 -9.70
N PHE A 5 10.61 4.89 -9.12
CA PHE A 5 11.10 4.76 -7.75
C PHE A 5 10.53 5.87 -6.87
N TYR A 6 10.18 7.00 -7.50
CA TYR A 6 9.63 8.13 -6.77
C TYR A 6 8.10 8.15 -6.87
N ALA A 7 7.58 7.43 -7.86
CA ALA A 7 6.13 7.36 -8.06
C ALA A 7 5.63 5.94 -7.88
N GLU A 8 6.51 4.96 -8.08
CA GLU A 8 6.15 3.57 -7.95
C GLU A 8 6.65 2.99 -6.62
N HIS A 9 7.49 3.76 -5.93
CA HIS A 9 8.05 3.33 -4.66
C HIS A 9 7.82 4.39 -3.58
N LEU A 10 6.94 5.34 -3.87
CA LEU A 10 6.63 6.42 -2.93
C LEU A 10 5.13 6.58 -2.77
N MET A 11 4.41 6.53 -3.88
CA MET A 11 2.95 6.68 -3.85
C MET A 11 2.30 5.47 -3.20
N PRO A 12 2.52 4.29 -3.79
CA PRO A 12 1.96 3.03 -3.29
C PRO A 12 2.59 2.60 -1.97
N THR A 13 3.64 3.30 -1.57
CA THR A 13 4.35 2.99 -0.34
C THR A 13 3.92 3.93 0.79
N LEU A 14 3.95 5.22 0.52
CA LEU A 14 3.56 6.23 1.51
C LEU A 14 2.04 6.40 1.54
N GLN A 15 1.40 6.07 0.44
CA GLN A 15 -0.05 6.19 0.34
C GLN A 15 -0.67 4.89 -0.17
N GLY A 16 -0.23 3.76 0.39
CA GLY A 16 -0.74 2.47 -0.03
C GLY A 16 -0.32 1.35 0.91
N LEU A 17 0.88 1.46 1.45
CA LEU A 17 1.40 0.45 2.37
C LEU A 17 0.92 0.71 3.79
N LEU A 18 0.18 1.80 3.97
CA LEU A 18 -0.33 2.16 5.28
C LEU A 18 -1.54 3.09 5.16
N ASP A 19 -2.22 3.01 4.01
CA ASP A 19 -3.40 3.83 3.77
C ASP A 19 -4.62 3.26 4.48
N PRO A 20 -5.56 4.14 4.84
CA PRO A 20 -6.80 3.75 5.53
C PRO A 20 -7.74 2.96 4.63
N GLU A 21 -7.40 2.87 3.35
CA GLU A 21 -8.21 2.14 2.39
C GLU A 21 -7.38 1.11 1.64
N SER A 22 -6.10 1.43 1.41
CA SER A 22 -5.20 0.53 0.71
C SER A 22 -4.57 -0.48 1.67
N ALA A 23 -4.13 0.01 2.82
CA ALA A 23 -3.50 -0.85 3.82
C ALA A 23 -4.56 -1.54 4.68
N HIS A 24 -5.73 -0.91 4.80
CA HIS A 24 -6.81 -1.47 5.60
C HIS A 24 -7.44 -2.67 4.89
N ARG A 25 -7.66 -2.54 3.58
CA ARG A 25 -8.24 -3.61 2.79
C ARG A 25 -7.28 -4.79 2.66
N LEU A 26 -6.00 -4.47 2.52
CA LEU A 26 -4.96 -5.50 2.38
C LEU A 26 -4.65 -6.13 3.73
N ALA A 27 -5.00 -5.44 4.81
CA ALA A 27 -4.75 -5.93 6.16
C ALA A 27 -5.94 -6.74 6.67
N VAL A 28 -7.14 -6.15 6.60
CA VAL A 28 -8.35 -6.81 7.05
C VAL A 28 -8.46 -8.21 6.46
N ARG A 29 -7.99 -8.37 5.23
CA ARG A 29 -8.05 -9.67 4.55
C ARG A 29 -7.12 -10.67 5.22
N PHE A 30 -5.97 -10.20 5.69
CA PHE A 30 -4.99 -11.06 6.35
C PHE A 30 -5.34 -11.23 7.82
N THR A 31 -6.11 -10.29 8.36
CA THR A 31 -6.52 -10.34 9.77
C THR A 31 -7.59 -11.41 9.99
N SER A 32 -8.51 -11.53 9.04
CA SER A 32 -9.59 -12.50 9.13
C SER A 32 -9.26 -13.74 8.30
N LEU A 33 -8.65 -13.53 7.14
CA LEU A 33 -8.29 -14.63 6.25
C LEU A 33 -9.52 -15.43 5.85
N GLY A 34 -10.70 -14.83 6.01
CA GLY A 34 -11.93 -15.51 5.67
C GLY A 34 -12.43 -15.14 4.29
N GLY A 1 16.37 5.39 -11.59
CA GLY A 1 15.11 5.37 -10.86
C GLY A 1 14.59 6.77 -10.59
N ASP A 2 13.52 7.14 -11.27
CA ASP A 2 12.92 8.46 -11.09
C ASP A 2 11.40 8.38 -11.09
N GLU A 3 10.83 8.08 -12.26
CA GLU A 3 9.37 7.97 -12.40
C GLU A 3 8.88 6.65 -11.81
N ARG A 4 9.78 5.67 -11.74
CA ARG A 4 9.42 4.36 -11.20
C ARG A 4 9.98 4.18 -9.79
N PHE A 5 10.64 5.22 -9.29
CA PHE A 5 11.21 5.18 -7.95
C PHE A 5 10.60 6.26 -7.06
N TYR A 6 10.11 7.32 -7.69
CA TYR A 6 9.50 8.43 -6.95
C TYR A 6 7.98 8.31 -6.96
N ALA A 7 7.46 7.51 -7.88
CA ALA A 7 6.02 7.31 -7.99
C ALA A 7 5.65 5.85 -7.75
N GLU A 8 6.61 4.96 -7.97
CA GLU A 8 6.38 3.53 -7.78
C GLU A 8 7.02 3.04 -6.48
N HIS A 9 7.83 3.91 -5.88
CA HIS A 9 8.50 3.57 -4.63
C HIS A 9 8.26 4.64 -3.57
N LEU A 10 7.28 5.50 -3.83
CA LEU A 10 6.96 6.57 -2.89
C LEU A 10 5.45 6.61 -2.63
N MET A 11 4.66 6.47 -3.68
CA MET A 11 3.21 6.49 -3.57
C MET A 11 2.70 5.25 -2.85
N PRO A 12 2.99 4.07 -3.42
CA PRO A 12 2.57 2.79 -2.85
C PRO A 12 3.33 2.46 -1.56
N THR A 13 4.34 3.26 -1.26
CA THR A 13 5.15 3.05 -0.06
C THR A 13 4.71 3.98 1.07
N LEU A 14 4.62 5.27 0.76
CA LEU A 14 4.21 6.26 1.76
C LEU A 14 2.69 6.31 1.88
N GLN A 15 2.00 5.88 0.83
CA GLN A 15 0.54 5.87 0.83
C GLN A 15 0.01 4.54 0.31
N GLY A 16 0.68 3.45 0.68
CA GLY A 16 0.26 2.13 0.24
C GLY A 16 0.64 1.05 1.23
N LEU A 17 1.80 1.20 1.86
CA LEU A 17 2.28 0.23 2.84
C LEU A 17 1.53 0.37 4.15
N LEU A 18 0.73 1.42 4.26
CA LEU A 18 -0.05 1.68 5.47
C LEU A 18 -1.18 2.67 5.21
N ASP A 19 -1.75 2.59 4.01
CA ASP A 19 -2.84 3.47 3.62
C ASP A 19 -4.19 2.90 4.04
N PRO A 20 -5.17 3.78 4.29
CA PRO A 20 -6.52 3.37 4.70
C PRO A 20 -7.29 2.71 3.57
N GLU A 21 -6.65 2.60 2.40
CA GLU A 21 -7.28 1.99 1.24
C GLU A 21 -6.42 0.85 0.70
N SER A 22 -5.10 1.01 0.80
CA SER A 22 -4.17 0.00 0.31
C SER A 22 -3.83 -1.00 1.42
N ALA A 23 -3.59 -0.47 2.62
CA ALA A 23 -3.25 -1.31 3.76
C ALA A 23 -4.49 -1.91 4.41
N HIS A 24 -5.60 -1.17 4.34
CA HIS A 24 -6.86 -1.63 4.91
C HIS A 24 -7.41 -2.82 4.14
N ARG A 25 -7.23 -2.79 2.82
CA ARG A 25 -7.70 -3.88 1.96
C ARG A 25 -6.82 -5.11 2.11
N LEU A 26 -5.51 -4.88 2.17
CA LEU A 26 -4.55 -5.97 2.31
C LEU A 26 -4.57 -6.54 3.73
N ALA A 27 -5.06 -5.75 4.67
CA ALA A 27 -5.14 -6.17 6.07
C ALA A 27 -6.47 -6.82 6.37
N VAL A 28 -7.56 -6.14 6.00
CA VAL A 28 -8.91 -6.65 6.23
C VAL A 28 -9.05 -8.07 5.72
N ARG A 29 -8.34 -8.38 4.64
CA ARG A 29 -8.39 -9.71 4.04
C ARG A 29 -7.74 -10.75 4.97
N PHE A 30 -6.64 -10.35 5.60
CA PHE A 30 -5.92 -11.23 6.51
C PHE A 30 -6.58 -11.26 7.89
N THR A 31 -7.33 -10.20 8.20
CA THR A 31 -8.01 -10.11 9.48
C THR A 31 -9.27 -10.97 9.51
N SER A 32 -10.03 -10.92 8.42
CA SER A 32 -11.27 -11.70 8.31
C SER A 32 -11.09 -12.88 7.37
N LEU A 33 -9.86 -13.38 7.28
CA LEU A 33 -9.54 -14.50 6.40
C LEU A 33 -10.13 -15.79 6.96
N GLY A 34 -10.64 -15.73 8.19
CA GLY A 34 -11.22 -16.90 8.81
C GLY A 34 -10.18 -17.79 9.46
N GLY A 1 14.88 5.31 -13.20
CA GLY A 1 13.78 5.31 -12.25
C GLY A 1 13.51 6.68 -11.67
N ASP A 2 12.38 7.26 -12.05
CA ASP A 2 12.01 8.59 -11.56
C ASP A 2 10.50 8.64 -11.26
N GLU A 3 9.69 8.61 -12.31
CA GLU A 3 8.24 8.67 -12.15
C GLU A 3 7.70 7.32 -11.67
N ARG A 4 8.45 6.26 -11.93
CA ARG A 4 8.05 4.91 -11.53
C ARG A 4 8.84 4.45 -10.30
N PHE A 5 9.70 5.32 -9.79
CA PHE A 5 10.50 5.01 -8.62
C PHE A 5 10.23 5.99 -7.49
N TYR A 6 9.80 7.19 -7.84
CA TYR A 6 9.50 8.21 -6.84
C TYR A 6 8.01 8.24 -6.52
N ALA A 7 7.20 7.68 -7.43
CA ALA A 7 5.76 7.64 -7.25
C ALA A 7 5.26 6.20 -7.14
N GLU A 8 6.03 5.28 -7.70
CA GLU A 8 5.67 3.87 -7.67
C GLU A 8 6.48 3.11 -6.62
N HIS A 9 7.47 3.78 -6.06
CA HIS A 9 8.32 3.18 -5.05
C HIS A 9 8.44 4.08 -3.82
N LEU A 10 7.51 5.03 -3.71
CA LEU A 10 7.52 5.96 -2.59
C LEU A 10 6.10 6.13 -2.03
N MET A 11 5.13 6.27 -2.92
CA MET A 11 3.74 6.45 -2.51
C MET A 11 3.21 5.17 -1.88
N PRO A 12 3.19 4.08 -2.67
CA PRO A 12 2.70 2.77 -2.20
C PRO A 12 3.63 2.14 -1.17
N THR A 13 4.72 2.83 -0.87
CA THR A 13 5.69 2.33 0.11
C THR A 13 5.61 3.12 1.42
N LEU A 14 5.46 4.43 1.29
CA LEU A 14 5.37 5.30 2.47
C LEU A 14 3.91 5.52 2.87
N GLN A 15 3.02 5.47 1.88
CA GLN A 15 1.59 5.67 2.14
C GLN A 15 0.82 4.37 1.90
N GLY A 16 1.47 3.42 1.25
CA GLY A 16 0.83 2.15 0.95
C GLY A 16 0.77 1.24 2.17
N LEU A 17 1.49 1.61 3.22
CA LEU A 17 1.52 0.82 4.45
C LEU A 17 0.40 1.24 5.39
N LEU A 18 -0.34 2.27 5.00
CA LEU A 18 -1.45 2.76 5.81
C LEU A 18 -2.49 3.47 4.93
N ASP A 19 -2.48 3.15 3.65
CA ASP A 19 -3.42 3.76 2.71
C ASP A 19 -4.80 3.11 2.82
N PRO A 20 -5.85 3.91 2.57
CA PRO A 20 -7.24 3.42 2.63
C PRO A 20 -7.57 2.46 1.50
N GLU A 21 -6.64 2.31 0.55
CA GLU A 21 -6.84 1.42 -0.58
C GLU A 21 -5.68 0.43 -0.70
N SER A 22 -4.59 0.72 0.00
CA SER A 22 -3.41 -0.13 -0.03
C SER A 22 -3.27 -0.92 1.27
N ALA A 23 -3.49 -0.24 2.39
CA ALA A 23 -3.40 -0.87 3.70
C ALA A 23 -4.71 -1.54 4.09
N HIS A 24 -5.81 -1.02 3.56
CA HIS A 24 -7.13 -1.57 3.84
C HIS A 24 -7.35 -2.88 3.10
N ARG A 25 -6.83 -2.95 1.88
CA ARG A 25 -6.97 -4.16 1.06
C ARG A 25 -6.08 -5.28 1.60
N LEU A 26 -4.89 -4.92 2.06
CA LEU A 26 -3.96 -5.91 2.60
C LEU A 26 -4.33 -6.29 4.02
N ALA A 27 -5.13 -5.44 4.67
CA ALA A 27 -5.56 -5.70 6.04
C ALA A 27 -6.88 -6.46 6.06
N VAL A 28 -7.86 -5.97 5.30
CA VAL A 28 -9.17 -6.60 5.23
C VAL A 28 -9.04 -8.08 4.92
N ARG A 29 -8.06 -8.44 4.11
CA ARG A 29 -7.83 -9.83 3.73
C ARG A 29 -7.39 -10.66 4.94
N PHE A 30 -6.56 -10.06 5.79
CA PHE A 30 -6.07 -10.74 6.99
C PHE A 30 -7.11 -10.67 8.11
N THR A 31 -7.98 -9.67 8.05
CA THR A 31 -9.02 -9.51 9.06
C THR A 31 -10.17 -10.48 8.83
N SER A 32 -10.58 -10.62 7.58
CA SER A 32 -11.68 -11.51 7.24
C SER A 32 -11.15 -12.78 6.57
N LEU A 33 -9.94 -13.16 6.92
CA LEU A 33 -9.32 -14.36 6.36
C LEU A 33 -9.97 -15.62 6.91
N GLY A 34 -10.82 -15.45 7.91
CA GLY A 34 -11.50 -16.58 8.52
C GLY A 34 -10.56 -17.47 9.30
N GLY A 1 16.65 4.49 -10.95
CA GLY A 1 15.35 4.59 -10.31
C GLY A 1 14.96 6.02 -10.02
N ASP A 2 13.98 6.53 -10.76
CA ASP A 2 13.51 7.89 -10.58
C ASP A 2 11.99 7.96 -10.69
N GLU A 3 11.47 7.76 -11.90
CA GLU A 3 10.04 7.80 -12.13
C GLU A 3 9.37 6.53 -11.63
N ARG A 4 10.14 5.45 -11.54
CA ARG A 4 9.63 4.18 -11.07
C ARG A 4 10.05 3.90 -9.63
N PHE A 5 10.78 4.86 -9.05
CA PHE A 5 11.25 4.72 -7.68
C PHE A 5 10.69 5.83 -6.79
N TYR A 6 10.37 6.95 -7.41
CA TYR A 6 9.82 8.09 -6.69
C TYR A 6 8.30 8.14 -6.79
N ALA A 7 7.76 7.43 -7.78
CA ALA A 7 6.33 7.37 -7.99
C ALA A 7 5.79 5.96 -7.82
N GLU A 8 6.67 4.98 -8.02
CA GLU A 8 6.28 3.58 -7.89
C GLU A 8 6.78 2.99 -6.57
N HIS A 9 7.62 3.75 -5.88
CA HIS A 9 8.17 3.30 -4.59
C HIS A 9 7.95 4.37 -3.52
N LEU A 10 7.09 5.33 -3.81
CA LEU A 10 6.79 6.40 -2.86
C LEU A 10 5.29 6.60 -2.72
N MET A 11 4.58 6.56 -3.83
CA MET A 11 3.13 6.73 -3.82
C MET A 11 2.44 5.53 -3.18
N PRO A 12 2.65 4.34 -3.77
CA PRO A 12 2.06 3.10 -3.27
C PRO A 12 2.69 2.65 -1.95
N THR A 13 3.74 3.34 -1.54
CA THR A 13 4.42 3.03 -0.29
C THR A 13 3.99 3.97 0.83
N LEU A 14 4.06 5.26 0.56
CA LEU A 14 3.66 6.27 1.55
C LEU A 14 2.16 6.45 1.57
N GLN A 15 1.51 6.15 0.44
CA GLN A 15 0.07 6.28 0.34
C GLN A 15 -0.57 4.99 -0.20
N GLY A 16 -0.12 3.86 0.34
CA GLY A 16 -0.65 2.59 -0.08
C GLY A 16 -0.28 1.45 0.85
N LEU A 17 0.93 1.54 1.41
CA LEU A 17 1.41 0.51 2.33
C LEU A 17 0.92 0.76 3.75
N LEU A 18 0.19 1.86 3.92
CA LEU A 18 -0.36 2.21 5.22
C LEU A 18 -1.55 3.16 5.08
N ASP A 19 -2.21 3.10 3.93
CA ASP A 19 -3.37 3.94 3.67
C ASP A 19 -4.62 3.37 4.35
N PRO A 20 -5.55 4.27 4.70
CA PRO A 20 -6.81 3.89 5.36
C PRO A 20 -7.73 3.12 4.43
N GLU A 21 -7.36 3.02 3.17
CA GLU A 21 -8.16 2.31 2.18
C GLU A 21 -7.33 1.26 1.45
N SER A 22 -6.04 1.58 1.23
CA SER A 22 -5.14 0.68 0.54
C SER A 22 -4.55 -0.34 1.50
N ALA A 23 -4.13 0.12 2.67
CA ALA A 23 -3.55 -0.74 3.68
C ALA A 23 -4.63 -1.42 4.52
N HIS A 24 -5.78 -0.76 4.63
CA HIS A 24 -6.90 -1.30 5.40
C HIS A 24 -7.52 -2.50 4.70
N ARG A 25 -7.64 -2.41 3.38
CA ARG A 25 -8.21 -3.48 2.59
C ARG A 25 -7.24 -4.65 2.46
N LEU A 26 -5.95 -4.33 2.33
CA LEU A 26 -4.92 -5.35 2.20
C LEU A 26 -4.64 -6.02 3.54
N ALA A 27 -4.95 -5.31 4.62
CA ALA A 27 -4.74 -5.84 5.96
C ALA A 27 -5.97 -6.56 6.48
N VAL A 28 -7.13 -5.91 6.34
CA VAL A 28 -8.38 -6.49 6.79
C VAL A 28 -8.57 -7.91 6.26
N ARG A 29 -7.98 -8.17 5.09
CA ARG A 29 -8.07 -9.49 4.48
C ARG A 29 -7.15 -10.48 5.17
N PHE A 30 -5.94 -10.04 5.49
CA PHE A 30 -4.96 -10.89 6.15
C PHE A 30 -5.30 -11.04 7.64
N THR A 31 -6.17 -10.18 8.14
CA THR A 31 -6.58 -10.21 9.53
C THR A 31 -7.21 -11.55 9.89
N SER A 32 -8.22 -11.94 9.11
CA SER A 32 -8.92 -13.20 9.35
C SER A 32 -8.64 -14.19 8.22
N LEU A 33 -8.38 -13.66 7.03
CA LEU A 33 -8.09 -14.50 5.87
C LEU A 33 -9.28 -15.39 5.53
N GLY A 34 -10.44 -15.06 6.08
CA GLY A 34 -11.64 -15.83 5.83
C GLY A 34 -12.59 -15.13 4.88
N GLY A 1 16.94 6.65 -11.74
CA GLY A 1 15.68 6.56 -11.03
C GLY A 1 15.18 7.91 -10.57
N ASP A 2 14.14 8.41 -11.21
CA ASP A 2 13.56 9.70 -10.87
C ASP A 2 12.03 9.66 -10.92
N GLU A 3 11.49 9.55 -12.13
CA GLU A 3 10.05 9.49 -12.32
C GLU A 3 9.51 8.12 -11.93
N ARG A 4 10.36 7.11 -11.98
CA ARG A 4 9.97 5.75 -11.65
C ARG A 4 10.48 5.36 -10.26
N PHE A 5 11.14 6.30 -9.60
CA PHE A 5 11.68 6.06 -8.26
C PHE A 5 11.06 7.01 -7.25
N TYR A 6 10.64 8.18 -7.73
CA TYR A 6 10.03 9.19 -6.86
C TYR A 6 8.51 9.11 -6.91
N ALA A 7 7.99 8.46 -7.96
CA ALA A 7 6.55 8.31 -8.13
C ALA A 7 6.14 6.85 -8.11
N GLU A 8 7.09 5.97 -8.43
CA GLU A 8 6.82 4.53 -8.45
C GLU A 8 7.41 3.85 -7.22
N HIS A 9 8.22 4.60 -6.48
CA HIS A 9 8.84 4.07 -5.27
C HIS A 9 8.59 4.99 -4.07
N LEU A 10 7.64 5.90 -4.23
CA LEU A 10 7.30 6.83 -3.16
C LEU A 10 5.78 6.87 -2.93
N MET A 11 5.03 6.90 -4.03
CA MET A 11 3.57 6.93 -3.94
C MET A 11 3.03 5.61 -3.41
N PRO A 12 3.31 4.52 -4.15
CA PRO A 12 2.86 3.18 -3.77
C PRO A 12 3.57 2.66 -2.53
N THR A 13 4.58 3.38 -2.08
CA THR A 13 5.34 2.99 -0.91
C THR A 13 4.89 3.76 0.33
N LEU A 14 4.82 5.08 0.21
CA LEU A 14 4.40 5.92 1.32
C LEU A 14 2.88 5.97 1.41
N GLN A 15 2.21 5.73 0.29
CA GLN A 15 0.75 5.75 0.25
C GLN A 15 0.22 4.50 -0.44
N GLY A 16 0.85 3.37 -0.18
CA GLY A 16 0.42 2.12 -0.79
C GLY A 16 0.81 0.90 0.03
N LEU A 17 1.97 0.97 0.67
CA LEU A 17 2.45 -0.13 1.50
C LEU A 17 1.76 -0.12 2.87
N LEU A 18 0.99 0.91 3.13
CA LEU A 18 0.27 1.04 4.40
C LEU A 18 -0.92 1.99 4.25
N ASP A 19 -1.49 2.04 3.06
CA ASP A 19 -2.64 2.90 2.80
C ASP A 19 -3.93 2.26 3.33
N PRO A 20 -4.94 3.10 3.56
CA PRO A 20 -6.24 2.64 4.07
C PRO A 20 -7.02 1.84 3.04
N GLU A 21 -6.41 1.64 1.87
CA GLU A 21 -7.05 0.88 0.80
C GLU A 21 -6.22 -0.34 0.43
N SER A 22 -4.92 -0.28 0.71
CA SER A 22 -4.01 -1.38 0.40
C SER A 22 -3.70 -2.19 1.65
N ALA A 23 -3.43 -1.49 2.76
CA ALA A 23 -3.12 -2.15 4.02
C ALA A 23 -4.39 -2.57 4.75
N HIS A 24 -5.43 -1.74 4.64
CA HIS A 24 -6.70 -2.03 5.30
C HIS A 24 -7.46 -3.14 4.55
N ARG A 25 -7.32 -3.15 3.23
CA ARG A 25 -7.98 -4.15 2.40
C ARG A 25 -7.35 -5.52 2.59
N LEU A 26 -6.05 -5.54 2.84
CA LEU A 26 -5.31 -6.79 3.02
C LEU A 26 -5.34 -7.20 4.49
N ALA A 27 -5.64 -6.25 5.37
CA ALA A 27 -5.70 -6.52 6.80
C ALA A 27 -7.11 -6.91 7.23
N VAL A 28 -8.09 -6.13 6.80
CA VAL A 28 -9.49 -6.40 7.14
C VAL A 28 -9.86 -7.85 6.84
N ARG A 29 -9.19 -8.43 5.84
CA ARG A 29 -9.45 -9.81 5.46
C ARG A 29 -8.82 -10.78 6.45
N PHE A 30 -7.61 -10.48 6.89
CA PHE A 30 -6.91 -11.33 7.84
C PHE A 30 -7.45 -11.12 9.26
N THR A 31 -8.20 -10.04 9.44
CA THR A 31 -8.77 -9.73 10.75
C THR A 31 -9.69 -10.85 11.22
N SER A 32 -10.64 -11.22 10.37
CA SER A 32 -11.59 -12.28 10.70
C SER A 32 -11.36 -13.51 9.83
N LEU A 33 -10.86 -13.29 8.61
CA LEU A 33 -10.59 -14.38 7.69
C LEU A 33 -11.88 -15.11 7.33
N GLY A 34 -13.02 -14.49 7.62
CA GLY A 34 -14.29 -15.10 7.32
C GLY A 34 -14.62 -16.25 8.25
N GLY A 1 16.78 4.53 -10.72
CA GLY A 1 15.46 4.61 -10.12
C GLY A 1 15.03 6.04 -9.86
N ASP A 2 14.05 6.51 -10.63
CA ASP A 2 13.54 7.87 -10.47
C ASP A 2 12.03 7.91 -10.61
N GLU A 3 11.54 7.68 -11.82
CA GLU A 3 10.11 7.68 -12.07
C GLU A 3 9.45 6.40 -11.57
N ARG A 4 10.25 5.35 -11.44
CA ARG A 4 9.76 4.07 -10.96
C ARG A 4 10.17 3.83 -9.51
N PHE A 5 10.85 4.81 -8.93
CA PHE A 5 11.31 4.70 -7.55
C PHE A 5 10.71 5.82 -6.70
N TYR A 6 10.37 6.93 -7.34
CA TYR A 6 9.79 8.07 -6.64
C TYR A 6 8.28 8.08 -6.78
N ALA A 7 7.77 7.34 -7.76
CA ALA A 7 6.33 7.26 -8.00
C ALA A 7 5.83 5.83 -7.82
N GLU A 8 6.73 4.87 -7.98
CA GLU A 8 6.38 3.46 -7.84
C GLU A 8 6.86 2.91 -6.50
N HIS A 9 7.67 3.69 -5.80
CA HIS A 9 8.20 3.28 -4.50
C HIS A 9 7.94 4.36 -3.45
N LEU A 10 7.06 5.29 -3.77
CA LEU A 10 6.72 6.38 -2.85
C LEU A 10 5.22 6.54 -2.72
N MET A 11 4.52 6.47 -3.85
CA MET A 11 3.07 6.61 -3.86
C MET A 11 2.41 5.39 -3.22
N PRO A 12 2.65 4.21 -3.79
CA PRO A 12 2.09 2.95 -3.28
C PRO A 12 2.69 2.54 -1.94
N THR A 13 3.73 3.26 -1.53
CA THR A 13 4.40 2.97 -0.27
C THR A 13 3.94 3.92 0.84
N LEU A 14 3.98 5.21 0.55
CA LEU A 14 3.57 6.22 1.52
C LEU A 14 2.05 6.39 1.50
N GLN A 15 1.42 6.02 0.39
CA GLN A 15 -0.02 6.13 0.25
C GLN A 15 -0.62 4.82 -0.25
N GLY A 16 -0.18 3.71 0.31
CA GLY A 16 -0.67 2.41 -0.11
C GLY A 16 -0.33 1.31 0.88
N LEU A 17 0.85 1.42 1.49
CA LEU A 17 1.30 0.42 2.46
C LEU A 17 0.75 0.73 3.85
N LEU A 18 0.01 1.82 3.96
CA LEU A 18 -0.58 2.23 5.23
C LEU A 18 -1.79 3.12 5.01
N ASP A 19 -2.41 3.01 3.84
CA ASP A 19 -3.58 3.80 3.51
C ASP A 19 -4.83 3.25 4.19
N PRO A 20 -5.82 4.11 4.43
CA PRO A 20 -7.08 3.73 5.06
C PRO A 20 -7.93 2.84 4.17
N GLU A 21 -7.52 2.70 2.91
CA GLU A 21 -8.26 1.88 1.96
C GLU A 21 -7.34 0.86 1.29
N SER A 22 -6.09 1.25 1.08
CA SER A 22 -5.11 0.37 0.45
C SER A 22 -4.53 -0.61 1.47
N ALA A 23 -4.16 -0.09 2.63
CA ALA A 23 -3.59 -0.91 3.69
C ALA A 23 -4.68 -1.63 4.47
N HIS A 24 -5.85 -1.00 4.58
CA HIS A 24 -6.97 -1.59 5.30
C HIS A 24 -7.54 -2.78 4.54
N ARG A 25 -7.58 -2.68 3.22
CA ARG A 25 -8.10 -3.75 2.38
C ARG A 25 -7.11 -4.91 2.31
N LEU A 26 -5.82 -4.60 2.32
CA LEU A 26 -4.77 -5.60 2.26
C LEU A 26 -4.54 -6.23 3.64
N ALA A 27 -4.92 -5.50 4.68
CA ALA A 27 -4.74 -5.98 6.04
C ALA A 27 -5.99 -6.74 6.52
N VAL A 28 -7.15 -6.12 6.35
CA VAL A 28 -8.40 -6.73 6.76
C VAL A 28 -8.51 -8.18 6.26
N ARG A 29 -7.90 -8.43 5.11
CA ARG A 29 -7.92 -9.77 4.52
C ARG A 29 -7.01 -10.72 5.29
N PHE A 30 -5.83 -10.23 5.66
CA PHE A 30 -4.86 -11.03 6.40
C PHE A 30 -5.27 -11.16 7.86
N THR A 31 -6.19 -10.30 8.29
CA THR A 31 -6.67 -10.31 9.67
C THR A 31 -7.49 -11.58 9.95
N SER A 32 -8.52 -11.80 9.14
CA SER A 32 -9.38 -12.97 9.30
C SER A 32 -9.62 -13.65 7.96
N LEU A 33 -8.53 -13.91 7.24
CA LEU A 33 -8.62 -14.56 5.94
C LEU A 33 -9.48 -15.82 6.03
N GLY A 34 -9.54 -16.41 7.22
CA GLY A 34 -10.33 -17.61 7.41
C GLY A 34 -10.20 -18.16 8.82
N GLY A 1 14.45 4.94 -13.19
CA GLY A 1 13.38 4.96 -12.20
C GLY A 1 13.09 6.34 -11.68
N ASP A 2 11.93 6.89 -12.04
CA ASP A 2 11.54 8.22 -11.60
C ASP A 2 10.06 8.26 -11.25
N GLU A 3 9.20 8.17 -12.26
CA GLU A 3 7.77 8.19 -12.06
C GLU A 3 7.27 6.86 -11.50
N ARG A 4 8.05 5.81 -11.74
CA ARG A 4 7.68 4.47 -11.26
C ARG A 4 8.52 4.09 -10.05
N PHE A 5 9.38 5.00 -9.61
CA PHE A 5 10.23 4.75 -8.46
C PHE A 5 9.97 5.77 -7.36
N TYR A 6 9.49 6.95 -7.74
CA TYR A 6 9.18 8.00 -6.79
C TYR A 6 7.71 8.02 -6.43
N ALA A 7 6.90 7.38 -7.28
CA ALA A 7 5.46 7.32 -7.05
C ALA A 7 4.99 5.88 -6.86
N GLU A 8 5.77 4.94 -7.40
CA GLU A 8 5.44 3.53 -7.30
C GLU A 8 6.30 2.84 -6.25
N HIS A 9 7.31 3.55 -5.76
CA HIS A 9 8.22 3.02 -4.75
C HIS A 9 8.36 3.98 -3.58
N LEU A 10 7.44 4.93 -3.48
CA LEU A 10 7.46 5.91 -2.41
C LEU A 10 6.07 6.07 -1.79
N MET A 11 5.05 6.15 -2.64
CA MET A 11 3.68 6.31 -2.18
C MET A 11 3.21 5.06 -1.45
N PRO A 12 3.19 3.92 -2.16
CA PRO A 12 2.76 2.63 -1.60
C PRO A 12 3.76 2.10 -0.57
N THR A 13 4.87 2.81 -0.40
CA THR A 13 5.90 2.39 0.55
C THR A 13 5.71 3.09 1.89
N LEU A 14 5.49 4.39 1.86
CA LEU A 14 5.29 5.17 3.08
C LEU A 14 3.80 5.37 3.35
N GLN A 15 3.04 5.61 2.29
CA GLN A 15 1.60 5.83 2.43
C GLN A 15 0.83 4.54 2.21
N GLY A 16 1.49 3.57 1.57
CA GLY A 16 0.84 2.29 1.30
C GLY A 16 0.76 1.42 2.55
N LEU A 17 1.46 1.83 3.60
CA LEU A 17 1.46 1.07 4.85
C LEU A 17 0.30 1.52 5.74
N LEU A 18 -0.43 2.53 5.30
CA LEU A 18 -1.56 3.06 6.06
C LEU A 18 -2.54 3.77 5.14
N ASP A 19 -2.53 3.40 3.87
CA ASP A 19 -3.43 4.01 2.89
C ASP A 19 -4.82 3.41 2.98
N PRO A 20 -5.84 4.20 2.61
CA PRO A 20 -7.24 3.76 2.63
C PRO A 20 -7.53 2.70 1.58
N GLU A 21 -6.56 2.45 0.71
CA GLU A 21 -6.73 1.46 -0.35
C GLU A 21 -5.60 0.43 -0.31
N SER A 22 -4.41 0.88 0.07
CA SER A 22 -3.24 0.00 0.15
C SER A 22 -3.21 -0.74 1.47
N ALA A 23 -3.44 -0.01 2.57
CA ALA A 23 -3.44 -0.59 3.90
C ALA A 23 -4.76 -1.28 4.19
N HIS A 24 -5.84 -0.76 3.63
CA HIS A 24 -7.17 -1.33 3.84
C HIS A 24 -7.32 -2.63 3.06
N ARG A 25 -6.76 -2.67 1.85
CA ARG A 25 -6.84 -3.85 1.01
C ARG A 25 -6.00 -4.98 1.58
N LEU A 26 -4.85 -4.62 2.16
CA LEU A 26 -3.95 -5.61 2.75
C LEU A 26 -4.38 -5.98 4.16
N ALA A 27 -5.25 -5.15 4.74
CA ALA A 27 -5.75 -5.38 6.09
C ALA A 27 -7.02 -6.22 6.07
N VAL A 28 -8.00 -5.78 5.27
CA VAL A 28 -9.27 -6.48 5.15
C VAL A 28 -9.06 -7.96 4.88
N ARG A 29 -8.01 -8.27 4.12
CA ARG A 29 -7.69 -9.65 3.78
C ARG A 29 -7.26 -10.44 5.02
N PHE A 30 -6.52 -9.78 5.90
CA PHE A 30 -6.05 -10.41 7.13
C PHE A 30 -7.12 -10.38 8.21
N THR A 31 -8.05 -9.44 8.08
CA THR A 31 -9.13 -9.30 9.05
C THR A 31 -10.16 -10.42 8.89
N SER A 32 -10.45 -10.77 7.64
CA SER A 32 -11.41 -11.84 7.36
C SER A 32 -10.70 -13.15 7.07
N LEU A 33 -9.58 -13.08 6.37
CA LEU A 33 -8.80 -14.26 6.02
C LEU A 33 -9.65 -15.25 5.22
N GLY A 34 -10.73 -14.75 4.63
CA GLY A 34 -11.59 -15.60 3.84
C GLY A 34 -10.95 -16.05 2.55
N GLY A 1 16.51 5.12 -11.19
CA GLY A 1 15.21 5.17 -10.53
C GLY A 1 14.79 6.58 -10.17
N ASP A 2 13.78 7.09 -10.87
CA ASP A 2 13.29 8.44 -10.61
C ASP A 2 11.76 8.48 -10.69
N GLU A 3 11.23 8.33 -11.90
CA GLU A 3 9.79 8.36 -12.11
C GLU A 3 9.16 7.04 -11.66
N ARG A 4 9.97 5.98 -11.63
CA ARG A 4 9.48 4.66 -11.22
C ARG A 4 9.94 4.33 -9.80
N PHE A 5 10.65 5.27 -9.18
CA PHE A 5 11.16 5.08 -7.83
C PHE A 5 10.58 6.13 -6.88
N TYR A 6 10.23 7.28 -7.43
CA TYR A 6 9.67 8.37 -6.65
C TYR A 6 8.14 8.38 -6.73
N ALA A 7 7.61 7.71 -7.74
CA ALA A 7 6.16 7.64 -7.93
C ALA A 7 5.66 6.20 -7.82
N GLU A 8 6.56 5.25 -8.08
CA GLU A 8 6.21 3.84 -8.02
C GLU A 8 6.73 3.20 -6.74
N HIS A 9 7.57 3.94 -6.02
CA HIS A 9 8.15 3.44 -4.78
C HIS A 9 7.94 4.44 -3.64
N LEU A 10 7.04 5.41 -3.87
CA LEU A 10 6.75 6.42 -2.87
C LEU A 10 5.24 6.57 -2.67
N MET A 11 4.50 6.57 -3.78
CA MET A 11 3.05 6.71 -3.73
C MET A 11 2.41 5.45 -3.13
N PRO A 12 2.63 4.31 -3.79
CA PRO A 12 2.09 3.03 -3.34
C PRO A 12 2.75 2.53 -2.06
N THR A 13 3.79 3.23 -1.63
CA THR A 13 4.52 2.86 -0.42
C THR A 13 4.09 3.73 0.76
N LEU A 14 4.12 5.04 0.56
CA LEU A 14 3.73 5.98 1.60
C LEU A 14 2.22 6.16 1.65
N GLN A 15 1.56 5.85 0.54
CA GLN A 15 0.12 5.97 0.46
C GLN A 15 -0.51 4.69 -0.10
N GLY A 16 -0.06 3.55 0.41
CA GLY A 16 -0.58 2.28 -0.05
C GLY A 16 -0.24 1.13 0.89
N LEU A 17 0.94 1.20 1.48
CA LEU A 17 1.39 0.16 2.41
C LEU A 17 0.86 0.42 3.81
N LEU A 18 0.14 1.52 3.98
CA LEU A 18 -0.43 1.89 5.26
C LEU A 18 -1.60 2.84 5.10
N ASP A 19 -2.24 2.78 3.94
CA ASP A 19 -3.39 3.64 3.65
C ASP A 19 -4.66 3.07 4.27
N PRO A 20 -5.60 3.96 4.62
CA PRO A 20 -6.88 3.57 5.23
C PRO A 20 -7.78 2.84 4.26
N GLU A 21 -7.37 2.76 3.00
CA GLU A 21 -8.15 2.08 1.98
C GLU A 21 -7.30 1.04 1.26
N SER A 22 -6.01 1.31 1.12
CA SER A 22 -5.09 0.39 0.45
C SER A 22 -4.54 -0.64 1.43
N ALA A 23 -4.16 -0.16 2.61
CA ALA A 23 -3.60 -1.05 3.64
C ALA A 23 -4.71 -1.72 4.44
N HIS A 24 -5.86 -1.05 4.52
CA HIS A 24 -7.00 -1.58 5.26
C HIS A 24 -7.59 -2.80 4.54
N ARG A 25 -7.67 -2.71 3.21
CA ARG A 25 -8.23 -3.79 2.41
C ARG A 25 -7.23 -4.94 2.30
N LEU A 26 -5.95 -4.61 2.22
CA LEU A 26 -4.90 -5.62 2.11
C LEU A 26 -4.64 -6.27 3.47
N ALA A 27 -5.00 -5.58 4.54
CA ALA A 27 -4.81 -6.10 5.88
C ALA A 27 -6.06 -6.83 6.38
N VAL A 28 -7.22 -6.22 6.16
CA VAL A 28 -8.48 -6.81 6.59
C VAL A 28 -8.63 -8.23 6.06
N ARG A 29 -8.07 -8.47 4.87
CA ARG A 29 -8.14 -9.79 4.25
C ARG A 29 -7.34 -10.81 5.06
N PHE A 30 -6.20 -10.38 5.59
CA PHE A 30 -5.34 -11.26 6.37
C PHE A 30 -5.81 -11.31 7.82
N THR A 31 -6.50 -10.27 8.25
CA THR A 31 -7.01 -10.20 9.62
C THR A 31 -8.28 -11.03 9.78
N SER A 32 -9.17 -10.93 8.81
CA SER A 32 -10.43 -11.67 8.84
C SER A 32 -10.39 -12.86 7.89
N LEU A 33 -9.19 -13.38 7.66
CA LEU A 33 -9.00 -14.52 6.77
C LEU A 33 -9.54 -15.79 7.40
N GLY A 34 -9.90 -15.71 8.68
CA GLY A 34 -10.43 -16.87 9.39
C GLY A 34 -11.28 -16.48 10.57
N GLY A 1 16.09 5.79 -11.97
CA GLY A 1 14.85 5.75 -11.22
C GLY A 1 14.33 7.13 -10.87
N ASP A 2 13.23 7.51 -11.49
CA ASP A 2 12.62 8.81 -11.25
C ASP A 2 11.10 8.70 -11.20
N GLU A 3 10.49 8.46 -12.36
CA GLU A 3 9.04 8.34 -12.44
C GLU A 3 8.58 6.99 -11.91
N ARG A 4 9.48 6.02 -11.91
CA ARG A 4 9.16 4.68 -11.42
C ARG A 4 9.75 4.45 -10.03
N PHE A 5 10.43 5.47 -9.50
CA PHE A 5 11.05 5.38 -8.19
C PHE A 5 10.45 6.40 -7.24
N TYR A 6 9.93 7.49 -7.80
CA TYR A 6 9.33 8.56 -7.00
C TYR A 6 7.81 8.42 -6.97
N ALA A 7 7.27 7.67 -7.91
CA ALA A 7 5.83 7.45 -7.98
C ALA A 7 5.48 5.98 -7.79
N GLU A 8 6.45 5.10 -8.08
CA GLU A 8 6.24 3.67 -7.95
C GLU A 8 6.92 3.13 -6.70
N HIS A 9 7.74 3.97 -6.07
CA HIS A 9 8.46 3.58 -4.87
C HIS A 9 8.24 4.61 -3.75
N LEU A 10 7.25 5.48 -3.94
CA LEU A 10 6.95 6.50 -2.96
C LEU A 10 5.45 6.54 -2.66
N MET A 11 4.64 6.43 -3.70
CA MET A 11 3.19 6.44 -3.55
C MET A 11 2.70 5.18 -2.87
N PRO A 12 2.97 4.03 -3.50
CA PRO A 12 2.56 2.72 -2.97
C PRO A 12 3.35 2.33 -1.73
N THR A 13 4.36 3.12 -1.40
CA THR A 13 5.20 2.86 -0.24
C THR A 13 4.79 3.75 0.94
N LEU A 14 4.71 5.05 0.69
CA LEU A 14 4.33 6.00 1.73
C LEU A 14 2.81 6.07 1.87
N GLN A 15 2.11 5.63 0.84
CA GLN A 15 0.64 5.64 0.86
C GLN A 15 0.08 4.31 0.36
N GLY A 16 0.74 3.23 0.75
CA GLY A 16 0.29 1.90 0.34
C GLY A 16 0.62 0.83 1.36
N LEU A 17 1.78 0.96 2.00
CA LEU A 17 2.21 0.00 3.00
C LEU A 17 1.45 0.20 4.32
N LEU A 18 0.69 1.29 4.39
CA LEU A 18 -0.09 1.59 5.58
C LEU A 18 -1.18 2.62 5.28
N ASP A 19 -1.75 2.52 4.09
CA ASP A 19 -2.82 3.43 3.66
C ASP A 19 -4.18 2.89 4.07
N PRO A 20 -5.13 3.81 4.30
CA PRO A 20 -6.50 3.45 4.71
C PRO A 20 -7.27 2.77 3.59
N GLU A 21 -6.63 2.63 2.44
CA GLU A 21 -7.27 1.99 1.28
C GLU A 21 -6.44 0.82 0.77
N SER A 22 -5.12 0.95 0.89
CA SER A 22 -4.22 -0.10 0.43
C SER A 22 -3.89 -1.07 1.58
N ALA A 23 -3.66 -0.53 2.76
CA ALA A 23 -3.34 -1.34 3.92
C ALA A 23 -4.61 -1.89 4.57
N HIS A 24 -5.70 -1.12 4.48
CA HIS A 24 -6.98 -1.53 5.06
C HIS A 24 -7.55 -2.73 4.30
N ARG A 25 -7.36 -2.74 2.99
CA ARG A 25 -7.86 -3.84 2.16
C ARG A 25 -7.00 -5.09 2.33
N LEU A 26 -5.69 -4.89 2.41
CA LEU A 26 -4.76 -6.01 2.58
C LEU A 26 -4.79 -6.54 4.01
N ALA A 27 -5.26 -5.70 4.93
CA ALA A 27 -5.36 -6.09 6.33
C ALA A 27 -6.72 -6.69 6.65
N VAL A 28 -7.77 -5.99 6.24
CA VAL A 28 -9.13 -6.45 6.49
C VAL A 28 -9.32 -7.90 6.04
N ARG A 29 -8.55 -8.30 5.03
CA ARG A 29 -8.62 -9.66 4.51
C ARG A 29 -7.93 -10.64 5.46
N PHE A 30 -6.77 -10.25 5.97
CA PHE A 30 -6.01 -11.09 6.89
C PHE A 30 -6.63 -11.07 8.28
N THR A 31 -7.51 -10.11 8.52
CA THR A 31 -8.18 -9.99 9.81
C THR A 31 -8.97 -11.24 10.14
N SER A 32 -9.85 -11.64 9.23
CA SER A 32 -10.68 -12.82 9.42
C SER A 32 -10.27 -13.94 8.45
N LEU A 33 -9.75 -13.55 7.30
CA LEU A 33 -9.31 -14.51 6.29
C LEU A 33 -10.49 -15.35 5.80
N GLY A 34 -11.69 -14.88 6.09
CA GLY A 34 -12.88 -15.60 5.66
C GLY A 34 -14.16 -14.91 6.10
N GLY A 1 14.68 4.85 -13.17
CA GLY A 1 13.61 4.88 -12.20
C GLY A 1 13.38 6.26 -11.63
N ASP A 2 12.26 6.87 -11.99
CA ASP A 2 11.92 8.20 -11.51
C ASP A 2 10.43 8.30 -11.18
N GLU A 3 9.60 8.28 -12.21
CA GLU A 3 8.15 8.38 -12.03
C GLU A 3 7.58 7.05 -11.55
N ARG A 4 8.30 5.97 -11.80
CA ARG A 4 7.88 4.64 -11.38
C ARG A 4 8.66 4.16 -10.17
N PHE A 5 9.55 5.02 -9.68
CA PHE A 5 10.37 4.70 -8.52
C PHE A 5 10.14 5.69 -7.38
N TYR A 6 9.73 6.90 -7.73
CA TYR A 6 9.47 7.94 -6.75
C TYR A 6 7.99 8.01 -6.41
N ALA A 7 7.15 7.46 -7.29
CA ALA A 7 5.71 7.46 -7.09
C ALA A 7 5.18 6.04 -6.97
N GLU A 8 5.92 5.08 -7.53
CA GLU A 8 5.52 3.68 -7.49
C GLU A 8 6.32 2.91 -6.45
N HIS A 9 7.35 3.56 -5.90
CA HIS A 9 8.19 2.94 -4.89
C HIS A 9 8.36 3.85 -3.68
N LEU A 10 7.46 4.83 -3.57
CA LEU A 10 7.50 5.77 -2.45
C LEU A 10 6.10 5.98 -1.87
N MET A 11 5.12 6.15 -2.74
CA MET A 11 3.74 6.35 -2.31
C MET A 11 3.18 5.10 -1.65
N PRO A 12 3.13 4.00 -2.42
CA PRO A 12 2.62 2.71 -1.93
C PRO A 12 3.55 2.08 -0.92
N THR A 13 4.66 2.74 -0.63
CA THR A 13 5.64 2.23 0.33
C THR A 13 5.60 3.03 1.62
N LEU A 14 5.44 4.35 1.50
CA LEU A 14 5.39 5.22 2.66
C LEU A 14 3.94 5.49 3.07
N GLN A 15 3.04 5.45 2.10
CA GLN A 15 1.62 5.68 2.37
C GLN A 15 0.81 4.41 2.14
N GLY A 16 1.43 3.42 1.50
CA GLY A 16 0.75 2.16 1.24
C GLY A 16 0.65 1.28 2.47
N LEU A 17 1.38 1.66 3.52
CA LEU A 17 1.37 0.89 4.76
C LEU A 17 0.25 1.36 5.68
N LEU A 18 -0.47 2.40 5.25
CA LEU A 18 -1.57 2.94 6.04
C LEU A 18 -2.55 3.69 5.15
N ASP A 19 -2.56 3.35 3.86
CA ASP A 19 -3.45 3.98 2.91
C ASP A 19 -4.88 3.42 3.04
N PRO A 20 -5.87 4.23 2.65
CA PRO A 20 -7.28 3.83 2.71
C PRO A 20 -7.62 2.75 1.69
N GLU A 21 -6.67 2.44 0.81
CA GLU A 21 -6.88 1.42 -0.20
C GLU A 21 -5.76 0.38 -0.16
N SER A 22 -4.54 0.85 0.05
CA SER A 22 -3.38 -0.04 0.10
C SER A 22 -3.33 -0.78 1.44
N ALA A 23 -3.52 -0.05 2.53
CA ALA A 23 -3.50 -0.65 3.86
C ALA A 23 -4.82 -1.34 4.17
N HIS A 24 -5.92 -0.77 3.67
CA HIS A 24 -7.24 -1.34 3.90
C HIS A 24 -7.42 -2.65 3.14
N ARG A 25 -6.80 -2.72 1.97
CA ARG A 25 -6.89 -3.93 1.14
C ARG A 25 -6.02 -5.05 1.71
N LEU A 26 -4.85 -4.68 2.21
CA LEU A 26 -3.92 -5.66 2.78
C LEU A 26 -4.35 -6.05 4.20
N ALA A 27 -5.17 -5.19 4.81
CA ALA A 27 -5.66 -5.45 6.16
C ALA A 27 -6.99 -6.19 6.14
N VAL A 28 -7.92 -5.69 5.33
CA VAL A 28 -9.23 -6.31 5.21
C VAL A 28 -9.12 -7.81 4.95
N ARG A 29 -8.04 -8.20 4.28
CA ARG A 29 -7.81 -9.61 3.96
C ARG A 29 -7.36 -10.37 5.20
N PHE A 30 -6.46 -9.77 5.98
CA PHE A 30 -5.95 -10.39 7.19
C PHE A 30 -6.97 -10.32 8.32
N THR A 31 -7.98 -9.47 8.14
CA THR A 31 -9.02 -9.31 9.15
C THR A 31 -9.76 -10.63 9.39
N SER A 32 -10.25 -11.24 8.33
CA SER A 32 -10.97 -12.50 8.43
C SER A 32 -10.17 -13.64 7.80
N LEU A 33 -9.35 -13.30 6.82
CA LEU A 33 -8.53 -14.29 6.12
C LEU A 33 -9.41 -15.33 5.43
N GLY A 34 -10.69 -15.01 5.27
CA GLY A 34 -11.60 -15.93 4.62
C GLY A 34 -11.36 -16.04 3.13
#